data_9AU1
#
_entry.id   9AU1
#
_cell.length_a   73.726
_cell.length_b   112.525
_cell.length_c   170.314
_cell.angle_alpha   90.000
_cell.angle_beta   90.000
_cell.angle_gamma   90.000
#
_symmetry.space_group_name_H-M   'P 21 21 21'
#
loop_
_entity.id
_entity.type
_entity.pdbx_description
1 polymer 'S309 Fab heavy chain'
2 polymer 'S309 Fab light chain'
3 polymer 'VIR-7229 Fab heavy chain'
4 polymer 'VIR-7229 Fab light chain'
5 polymer 'SARS-CoV-2 XBB.1.5 RBD'
6 non-polymer 'POTASSIUM ION'
7 non-polymer 1,2-ETHANEDIOL
8 non-polymer 'ACETIC ACID'
9 non-polymer '4-(2-HYDROXYETHYL)-1-PIPERAZINE ETHANESULFONIC ACID'
10 non-polymer 2-acetamido-2-deoxy-beta-D-glucopyranose
11 water water
#
loop_
_entity_poly.entity_id
_entity_poly.type
_entity_poly.pdbx_seq_one_letter_code
_entity_poly.pdbx_strand_id
1 'polypeptide(L)'
;QVQLVQSGAEVKKPGASVKVSCKASGYPFTSYGISWVRQAPGQGLEWMGWISTYNGNTNYAQKFQGRVTMTTDTSTTTGY
MELRRLRSDDTAVYYCARDYTRGAWFGESLIGGFDNWGQGTLVTVSSASTKGPSVFPLAPSSKSTSGGTAALGCLVKDYF
PEPVTVSWNSGALTSGVHTFPAVLQSSGLYSLSSVVTVPSSSLGTQTYICNVNHKPSNTKVDKKVEPKSC
;
M
2 'polypeptide(L)'
;EIVLTQSPGTLSLSPGERATLSCRASQTVSSTSLAWYQQKPGQAPRLLIYGASSRATGIPDRFSGSGSGTDFTLTISRLE
PEDFAVYYCQQHDTSLTFGGGTKVEIKRTVAAPSVFIFPPSDEQLKSGTASVVCLLNNFYPREAKVQWKVDNALQSGNSQ
ESVTEQDSKDSTYSLSSTLTLSKADYEKHKVYACEVTQGTTSVTKSFNRGEC
;
N
3 'polypeptide(L)'
;EVQLVESGGSVVQPGRALRLSCAASGITFSSFGMYWVRQAPGKGLEWLGYIAYDGSDTYYADSVKGRFTISRDNSKNTLY
LQMNSLRIEDTAVYYCAKDYYPLLSYYYGLDVWGQGTTVTVFNQIKPPSVFPLAPSSKSTSGGTAALGCLVKDYFPEPVT
VSWNSGALTSGVHTFPAVLQSSGLYSLSSVVTVPSSSLGTQTYICNVNHKPSNTKVDKKVEPKSC
;
H
4 'polypeptide(L)'
;(PCA)SVLTQPRSVSGSPGQSVTISCTGTSSDVGAYNYVSWYQQHPGKAPKFMIYDVDQRPSGVPDRFSGSKSGNTASLI
ISGLQAEDEADYYCSSYAGSYIWVFGGGTQLTVLGQPKAAPSVTLFPPSSEELQANKATLVCLISDFYPGAVTVAWKADS
SPVKAGVETTTPSKQSNNKYAASSYLSLTPEQWKSHRSYSCQVTHEGSTVEKTVAPTECS
;
L
5 'polypeptide(L)'
;MEWSWVFLFFLSVTTGVHSRFPNITNLCPFHEVFNATTFASVYAWNRKRISNCVADYSVIYNFAPFFAFKCYGVSPTKLN
DLCFTNVYADSFVIRGNEVSQIAPGQTGNIADYNYKLPDDFTGCVIAWNSNKLDSKPSGNYNYLYRLFRKSKLKPFERDI
STEIYQAGNKPCNGVAGPNCYSPLQSYGFRPTYGVGHQPYRVVVLSFELLHAPATVCGPKKSTHHHHHHHHGSGSGLNDI
FEAQKIEWHE
;
R
#
# COMPACT_ATOMS: atom_id res chain seq x y z
N GLN A 1 33.85 -11.90 -16.79
CA GLN A 1 32.73 -11.19 -16.20
C GLN A 1 33.11 -9.76 -15.77
N VAL A 2 32.21 -9.09 -15.03
CA VAL A 2 32.41 -7.69 -14.66
C VAL A 2 33.70 -7.55 -13.86
N GLN A 3 34.42 -6.47 -14.12
CA GLN A 3 35.71 -6.28 -13.46
C GLN A 3 36.07 -4.81 -13.56
N LEU A 4 36.52 -4.24 -12.45
CA LEU A 4 37.03 -2.88 -12.44
C LEU A 4 38.41 -2.94 -11.81
N VAL A 5 39.42 -2.49 -12.55
CA VAL A 5 40.81 -2.52 -12.13
C VAL A 5 41.28 -1.08 -11.91
N GLN A 6 41.80 -0.81 -10.71
CA GLN A 6 42.18 0.54 -10.31
C GLN A 6 43.69 0.76 -10.43
N SER A 7 44.09 2.03 -10.42
CA SER A 7 45.51 2.34 -10.49
C SER A 7 46.20 1.98 -9.19
N GLY A 8 47.54 1.94 -9.24
CA GLY A 8 48.34 1.47 -8.14
C GLY A 8 48.49 2.49 -7.03
N ALA A 9 49.05 2.02 -5.91
CA ALA A 9 49.26 2.84 -4.73
C ALA A 9 49.98 4.15 -5.04
N GLU A 10 49.58 5.19 -4.32
CA GLU A 10 50.07 6.55 -4.50
C GLU A 10 50.48 7.11 -3.14
N VAL A 11 51.63 7.77 -3.10
CA VAL A 11 52.07 8.54 -1.94
C VAL A 11 52.10 10.00 -2.37
N LYS A 12 51.45 10.90 -1.61
CA LYS A 12 51.37 12.30 -2.03
C LYS A 12 51.72 13.25 -0.88
N LYS A 13 52.43 14.34 -1.20
CA LYS A 13 52.72 15.37 -0.21
C LYS A 13 51.43 16.12 0.13
N PRO A 14 51.25 16.56 1.37
CA PRO A 14 50.09 17.41 1.67
C PRO A 14 50.11 18.65 0.79
N GLY A 15 48.95 18.96 0.21
CA GLY A 15 48.80 20.06 -0.73
C GLY A 15 48.64 19.61 -2.17
N ALA A 16 49.22 18.47 -2.55
CA ALA A 16 49.13 17.99 -3.92
C ALA A 16 47.75 17.42 -4.22
N SER A 17 47.56 17.04 -5.49
CA SER A 17 46.37 16.32 -5.94
C SER A 17 46.71 14.86 -6.18
N VAL A 18 45.67 14.02 -6.16
CA VAL A 18 45.80 12.64 -6.62
C VAL A 18 44.68 12.36 -7.62
N LYS A 19 44.98 11.56 -8.63
CA LYS A 19 43.99 11.16 -9.61
C LYS A 19 44.07 9.64 -9.72
N VAL A 20 43.06 8.95 -9.16
CA VAL A 20 42.93 7.48 -9.23
C VAL A 20 42.10 7.14 -10.45
N SER A 21 42.48 6.08 -11.16
CA SER A 21 41.75 5.64 -12.34
C SER A 21 41.09 4.28 -12.09
N CYS A 22 40.07 3.97 -12.90
CA CYS A 22 39.20 2.82 -12.65
C CYS A 22 38.73 2.28 -14.01
N LYS A 23 39.33 1.19 -14.44
CA LYS A 23 39.09 0.64 -15.77
C LYS A 23 38.03 -0.44 -15.69
N ALA A 24 36.92 -0.24 -16.38
CA ALA A 24 35.82 -1.19 -16.39
C ALA A 24 35.89 -2.11 -17.60
N SER A 25 35.26 -3.27 -17.48
CA SER A 25 35.25 -4.27 -18.54
C SER A 25 34.21 -5.34 -18.22
N GLY A 26 33.69 -5.97 -19.27
CA GLY A 26 32.75 -7.06 -19.09
C GLY A 26 31.31 -6.66 -18.90
N TYR A 27 30.96 -5.40 -19.11
CA TYR A 27 29.58 -4.92 -19.07
C TYR A 27 29.49 -3.67 -19.93
N PRO A 28 28.26 -3.28 -20.36
CA PRO A 28 28.09 -2.02 -21.11
C PRO A 28 28.31 -0.75 -20.27
N PHE A 29 29.48 -0.12 -20.50
CA PHE A 29 29.99 0.98 -19.68
C PHE A 29 29.01 2.13 -19.49
N THR A 30 28.32 2.54 -20.54
CA THR A 30 27.50 3.75 -20.43
C THR A 30 26.15 3.51 -19.74
N SER A 31 25.83 2.26 -19.37
CA SER A 31 24.56 1.97 -18.71
C SER A 31 24.61 2.16 -17.20
N TYR A 32 25.79 2.04 -16.59
CA TYR A 32 25.95 2.16 -15.15
C TYR A 32 26.83 3.38 -14.85
N GLY A 33 26.41 4.18 -13.88
CA GLY A 33 27.30 5.17 -13.33
C GLY A 33 28.41 4.51 -12.52
N ILE A 34 29.33 5.34 -12.02
CA ILE A 34 30.40 4.89 -11.14
C ILE A 34 30.35 5.70 -9.85
N SER A 35 30.49 4.98 -8.71
CA SER A 35 30.43 5.52 -7.35
C SER A 35 31.76 5.30 -6.65
N TRP A 36 32.10 6.18 -5.72
CA TRP A 36 33.43 6.18 -5.10
C TRP A 36 33.31 6.19 -3.58
N VAL A 37 34.11 5.36 -2.92
CA VAL A 37 34.06 5.22 -1.46
C VAL A 37 35.48 5.08 -0.92
N ARG A 38 35.80 5.81 0.14
CA ARG A 38 37.11 5.68 0.75
C ARG A 38 37.02 5.10 2.17
N GLN A 39 38.14 4.53 2.62
CA GLN A 39 38.22 3.90 3.93
C GLN A 39 39.60 4.17 4.55
N ALA A 40 39.67 5.14 5.46
CA ALA A 40 40.88 5.34 6.24
C ALA A 40 41.22 4.07 7.02
N PRO A 41 42.51 3.83 7.29
CA PRO A 41 42.94 2.54 7.86
C PRO A 41 42.23 2.24 9.17
N GLY A 42 41.65 1.05 9.26
CA GLY A 42 40.96 0.65 10.46
C GLY A 42 39.62 1.34 10.70
N GLN A 43 39.01 1.89 9.65
CA GLN A 43 37.80 2.68 9.82
C GLN A 43 36.69 2.15 8.94
N GLY A 44 35.59 2.88 8.87
CA GLY A 44 34.47 2.47 8.08
C GLY A 44 34.48 3.07 6.70
N LEU A 45 33.38 2.85 5.99
CA LEU A 45 33.18 3.28 4.63
C LEU A 45 32.67 4.72 4.61
N GLU A 46 33.24 5.53 3.72
CA GLU A 46 32.81 6.92 3.54
C GLU A 46 32.55 7.18 2.07
N TRP A 47 31.30 7.54 1.75
CA TRP A 47 30.89 7.82 0.38
C TRP A 47 31.47 9.15 -0.09
N MET A 48 31.89 9.20 -1.35
CA MET A 48 32.50 10.40 -1.94
C MET A 48 31.65 11.01 -3.04
N GLY A 49 31.23 10.22 -4.01
CA GLY A 49 30.29 10.72 -4.97
C GLY A 49 29.97 9.68 -6.01
N TRP A 50 29.38 10.17 -7.09
CA TRP A 50 28.78 9.39 -8.16
C TRP A 50 28.97 10.13 -9.48
N ILE A 51 29.02 9.40 -10.57
CA ILE A 51 29.09 10.05 -11.88
C ILE A 51 28.35 9.19 -12.90
N SER A 52 27.58 9.85 -13.76
CA SER A 52 27.00 9.19 -14.93
C SER A 52 28.05 9.01 -16.03
N THR A 53 28.20 7.77 -16.49
CA THR A 53 29.01 7.49 -17.66
C THR A 53 28.32 7.89 -18.96
N TYR A 54 27.02 8.19 -18.91
CA TYR A 54 26.28 8.54 -20.13
C TYR A 54 26.38 10.02 -20.46
N ASN A 55 26.47 10.92 -19.46
CA ASN A 55 26.47 12.35 -19.73
C ASN A 55 27.39 13.18 -18.84
N GLY A 56 28.18 12.58 -17.95
CA GLY A 56 29.13 13.34 -17.17
C GLY A 56 28.56 14.06 -15.95
N ASN A 57 27.25 13.96 -15.71
CA ASN A 57 26.68 14.51 -14.48
C ASN A 57 27.31 13.85 -13.27
N THR A 58 27.51 14.65 -12.23
CA THR A 58 28.13 14.15 -11.01
C THR A 58 27.30 14.59 -9.81
N ASN A 59 27.38 13.76 -8.77
CA ASN A 59 26.74 14.01 -7.49
C ASN A 59 27.79 13.70 -6.43
N TYR A 60 28.28 14.73 -5.74
CA TYR A 60 29.35 14.58 -4.76
C TYR A 60 28.81 14.73 -3.33
N ALA A 61 29.44 14.01 -2.40
CA ALA A 61 29.18 14.23 -0.97
C ALA A 61 29.58 15.63 -0.56
N GLN A 62 28.72 16.30 0.22
CA GLN A 62 28.95 17.68 0.63
C GLN A 62 30.39 17.89 1.13
N LYS A 63 30.88 16.93 1.92
CA LYS A 63 32.20 17.06 2.55
C LYS A 63 33.31 17.32 1.53
N PHE A 64 33.22 16.72 0.34
CA PHE A 64 34.26 16.84 -0.67
C PHE A 64 33.93 17.85 -1.76
N GLN A 65 32.86 18.61 -1.62
CA GLN A 65 32.53 19.60 -2.64
C GLN A 65 33.63 20.65 -2.74
N GLY A 66 34.04 20.96 -3.96
CA GLY A 66 35.12 21.89 -4.20
C GLY A 66 36.50 21.26 -4.28
N ARG A 67 36.71 20.11 -3.62
CA ARG A 67 37.99 19.42 -3.70
C ARG A 67 37.97 18.23 -4.65
N VAL A 68 36.82 17.68 -4.98
CA VAL A 68 36.77 16.46 -5.77
C VAL A 68 36.28 16.79 -7.17
N THR A 69 36.83 16.09 -8.15
CA THR A 69 36.36 16.11 -9.53
C THR A 69 36.38 14.68 -10.05
N MET A 70 35.24 14.23 -10.57
CA MET A 70 35.11 12.87 -11.09
C MET A 70 34.88 12.95 -12.58
N THR A 71 35.52 12.05 -13.32
CA THR A 71 35.45 12.09 -14.77
C THR A 71 35.33 10.68 -15.31
N THR A 72 34.80 10.60 -16.52
CA THR A 72 34.68 9.36 -17.26
C THR A 72 35.21 9.57 -18.68
N ASP A 73 35.84 8.54 -19.24
CA ASP A 73 36.23 8.51 -20.66
C ASP A 73 35.57 7.31 -21.33
N THR A 74 34.66 7.57 -22.26
CA THR A 74 33.84 6.52 -22.84
C THR A 74 34.64 5.58 -23.73
N SER A 75 35.70 6.08 -24.40
CA SER A 75 36.39 5.18 -25.34
C SER A 75 37.33 4.22 -24.61
N THR A 76 37.98 4.67 -23.54
CA THR A 76 38.79 3.73 -22.75
C THR A 76 38.01 3.12 -21.60
N THR A 77 36.68 3.28 -21.58
CA THR A 77 35.79 2.76 -20.52
C THR A 77 36.41 2.87 -19.13
N THR A 78 36.86 4.08 -18.79
CA THR A 78 37.59 4.33 -17.56
C THR A 78 37.00 5.52 -16.83
N GLY A 79 36.97 5.43 -15.50
CA GLY A 79 36.50 6.50 -14.63
C GLY A 79 37.64 7.06 -13.79
N TYR A 80 37.61 8.36 -13.56
CA TYR A 80 38.67 9.00 -12.79
C TYR A 80 38.09 9.75 -11.62
N MET A 81 38.85 9.81 -10.55
CA MET A 81 38.49 10.53 -9.34
C MET A 81 39.70 11.33 -8.92
N GLU A 82 39.58 12.65 -8.94
CA GLU A 82 40.64 13.56 -8.55
C GLU A 82 40.28 14.21 -7.22
N LEU A 83 41.17 14.13 -6.24
CA LEU A 83 41.00 14.83 -4.96
C LEU A 83 42.16 15.78 -4.75
N ARG A 84 41.85 17.05 -4.51
CA ARG A 84 42.81 18.13 -4.46
C ARG A 84 43.02 18.60 -3.03
N ARG A 85 44.11 19.34 -2.81
CA ARG A 85 44.41 19.95 -1.53
C ARG A 85 44.41 18.88 -0.44
N LEU A 86 45.13 17.80 -0.71
CA LEU A 86 45.16 16.66 0.18
C LEU A 86 45.70 17.08 1.54
N ARG A 87 45.02 16.65 2.59
CA ARG A 87 45.54 16.73 3.94
C ARG A 87 45.83 15.31 4.42
N SER A 88 46.46 15.24 5.59
CA SER A 88 46.85 13.95 6.15
C SER A 88 45.64 13.03 6.36
N ASP A 89 44.49 13.57 6.77
CA ASP A 89 43.34 12.70 7.01
C ASP A 89 42.63 12.28 5.73
N ASP A 90 43.21 12.56 4.55
CA ASP A 90 42.79 11.91 3.31
C ASP A 90 43.50 10.58 3.08
N THR A 91 44.40 10.17 3.96
CA THR A 91 45.01 8.85 3.84
C THR A 91 43.94 7.80 3.97
N ALA A 92 43.74 7.04 2.90
CA ALA A 92 42.69 6.02 2.91
C ALA A 92 42.94 5.11 1.71
N VAL A 93 42.16 4.05 1.66
CA VAL A 93 42.00 3.28 0.44
C VAL A 93 40.79 3.83 -0.30
N TYR A 94 40.94 4.08 -1.59
CA TYR A 94 39.85 4.62 -2.40
C TYR A 94 39.33 3.52 -3.30
N TYR A 95 38.01 3.32 -3.29
CA TYR A 95 37.35 2.30 -4.09
C TYR A 95 36.47 2.98 -5.14
N CYS A 96 36.41 2.37 -6.31
CA CYS A 96 35.32 2.65 -7.24
C CYS A 96 34.41 1.43 -7.27
N ALA A 97 33.16 1.65 -7.69
CA ALA A 97 32.24 0.54 -7.87
C ALA A 97 31.20 0.91 -8.91
N ARG A 98 30.74 -0.11 -9.63
CA ARG A 98 29.64 0.02 -10.58
C ARG A 98 28.38 0.40 -9.84
N ASP A 99 27.75 1.51 -10.24
CA ASP A 99 26.62 2.03 -9.48
C ASP A 99 25.30 1.55 -10.05
N TYR A 100 24.45 1.04 -9.15
CA TYR A 100 23.04 0.82 -9.43
C TYR A 100 22.19 1.44 -8.33
N THR A 101 22.53 2.67 -7.94
CA THR A 101 21.75 3.44 -6.98
C THR A 101 21.17 4.71 -7.57
N ARG A 102 21.66 5.15 -8.74
CA ARG A 102 21.15 6.29 -9.49
C ARG A 102 21.46 6.09 -10.96
N GLY A 103 20.45 6.32 -11.81
CA GLY A 103 20.56 5.97 -13.21
C GLY A 103 21.44 6.92 -13.99
N ALA A 104 22.11 6.37 -15.00
CA ALA A 104 23.07 7.15 -15.77
C ALA A 104 22.38 8.17 -16.68
N TRP A 105 21.34 7.72 -17.39
CA TRP A 105 20.59 8.62 -18.28
C TRP A 105 19.84 9.69 -17.50
N PHE A 106 19.05 9.29 -16.52
CA PHE A 106 18.04 10.18 -15.95
C PHE A 106 18.40 10.68 -14.57
N GLY A 107 19.39 10.08 -13.92
CA GLY A 107 19.89 10.58 -12.65
C GLY A 107 18.91 10.46 -11.51
N GLU A 108 18.00 9.48 -11.57
CA GLU A 108 17.03 9.23 -10.51
C GLU A 108 17.37 7.92 -9.79
N SER A 109 16.71 7.69 -8.65
CA SER A 109 17.16 6.63 -7.73
C SER A 109 16.65 5.25 -8.14
N LEU A 110 17.54 4.26 -8.02
CA LEU A 110 17.31 2.91 -8.50
C LEU A 110 17.32 1.91 -7.35
N ILE A 111 16.64 0.78 -7.55
CA ILE A 111 16.58 -0.30 -6.56
C ILE A 111 17.82 -1.16 -6.78
N GLY A 112 18.91 -0.80 -6.10
CA GLY A 112 20.15 -1.55 -6.24
C GLY A 112 21.22 -0.98 -5.33
N GLY A 113 22.45 -1.49 -5.52
CA GLY A 113 23.56 -1.01 -4.73
C GLY A 113 24.82 -0.88 -5.57
N PHE A 114 25.97 -0.73 -4.89
CA PHE A 114 27.29 -0.72 -5.53
C PHE A 114 27.67 -2.17 -5.76
N ASP A 115 27.51 -2.69 -6.98
CA ASP A 115 27.50 -4.15 -7.00
C ASP A 115 28.84 -4.80 -7.31
N ASN A 116 29.66 -4.22 -8.17
CA ASN A 116 31.01 -4.72 -8.42
C ASN A 116 31.97 -3.63 -8.02
N TRP A 117 33.03 -4.00 -7.28
CA TRP A 117 33.96 -3.03 -6.71
C TRP A 117 35.35 -3.27 -7.29
N GLY A 118 36.12 -2.18 -7.35
CA GLY A 118 37.53 -2.29 -7.69
C GLY A 118 38.36 -2.71 -6.50
N GLN A 119 39.60 -3.13 -6.77
CA GLN A 119 40.42 -3.70 -5.70
C GLN A 119 40.92 -2.64 -4.72
N GLY A 120 40.72 -1.36 -5.01
CA GLY A 120 41.14 -0.31 -4.11
C GLY A 120 42.50 0.29 -4.49
N THR A 121 42.70 1.54 -4.08
CA THR A 121 43.94 2.27 -4.30
C THR A 121 44.33 2.93 -2.99
N LEU A 122 45.48 2.55 -2.44
CA LEU A 122 45.98 3.21 -1.23
C LEU A 122 46.53 4.58 -1.59
N VAL A 123 46.10 5.61 -0.87
CA VAL A 123 46.67 6.94 -1.04
C VAL A 123 47.20 7.39 0.32
N THR A 124 48.53 7.48 0.44
CA THR A 124 49.18 7.96 1.66
C THR A 124 49.50 9.43 1.49
N VAL A 125 48.86 10.28 2.30
CA VAL A 125 49.18 11.70 2.32
C VAL A 125 50.08 11.95 3.51
N SER A 126 51.36 12.22 3.24
CA SER A 126 52.35 12.45 4.28
C SER A 126 53.46 13.36 3.77
N SER A 127 54.17 13.99 4.71
CA SER A 127 55.37 14.75 4.35
C SER A 127 56.64 13.90 4.41
N ALA A 128 56.57 12.71 4.99
CA ALA A 128 57.73 11.84 5.20
C ALA A 128 58.38 11.47 3.88
N SER A 129 59.69 11.22 3.96
CA SER A 129 60.51 10.76 2.86
C SER A 129 60.74 9.26 2.97
N THR A 130 60.80 8.58 1.81
CA THR A 130 61.01 7.14 1.77
C THR A 130 62.20 6.74 2.63
N LYS A 131 62.01 5.70 3.44
CA LYS A 131 63.08 5.28 4.35
C LYS A 131 62.91 3.80 4.67
N GLY A 132 64.00 3.04 4.57
CA GLY A 132 64.03 1.68 5.06
C GLY A 132 63.98 1.58 6.58
N PRO A 133 63.57 0.43 7.10
CA PRO A 133 63.44 0.27 8.55
C PRO A 133 64.78 -0.05 9.22
N SER A 134 64.88 0.37 10.47
CA SER A 134 65.83 -0.24 11.40
C SER A 134 65.17 -1.46 12.02
N VAL A 135 65.89 -2.59 12.09
CA VAL A 135 65.36 -3.81 12.67
C VAL A 135 66.10 -4.12 13.97
N PHE A 136 65.35 -4.23 15.06
CA PHE A 136 65.97 -4.50 16.35
C PHE A 136 65.48 -5.83 16.92
N PRO A 137 66.33 -6.57 17.65
CA PRO A 137 65.88 -7.86 18.20
C PRO A 137 64.96 -7.68 19.41
N LEU A 138 63.96 -8.56 19.51
CA LEU A 138 63.23 -8.80 20.76
C LEU A 138 63.76 -10.11 21.34
N ALA A 139 64.76 -10.01 22.19
CA ALA A 139 65.51 -11.21 22.47
C ALA A 139 64.84 -12.06 23.56
N PRO A 140 64.86 -13.38 23.42
CA PRO A 140 64.43 -14.26 24.50
C PRO A 140 65.51 -14.31 25.56
N SER A 141 65.10 -14.54 26.80
CA SER A 141 66.07 -14.80 27.85
C SER A 141 66.40 -16.28 27.86
N SER A 142 67.68 -16.60 27.85
CA SER A 142 68.05 -18.00 28.00
C SER A 142 67.75 -18.54 29.38
N LYS A 143 67.18 -17.71 30.26
CA LYS A 143 66.54 -18.15 31.49
C LYS A 143 65.03 -18.11 31.26
N SER A 144 64.41 -19.29 31.22
CA SER A 144 63.00 -19.44 30.85
C SER A 144 62.11 -19.21 32.08
N THR A 145 61.41 -18.07 32.11
CA THR A 145 60.50 -17.72 33.20
C THR A 145 59.03 -17.76 32.78
N SER A 146 58.70 -18.59 31.79
CA SER A 146 57.32 -18.69 31.31
C SER A 146 57.15 -20.09 30.70
N GLY A 147 56.73 -21.05 31.52
CA GLY A 147 56.64 -22.44 31.11
C GLY A 147 57.84 -22.88 30.29
N GLY A 148 57.62 -23.74 29.32
CA GLY A 148 58.68 -24.03 28.37
C GLY A 148 58.40 -23.40 27.03
N THR A 149 58.00 -22.14 27.03
CA THR A 149 57.60 -21.45 25.81
C THR A 149 58.24 -20.08 25.81
N ALA A 150 59.14 -19.83 24.87
CA ALA A 150 59.85 -18.57 24.82
C ALA A 150 59.34 -17.72 23.66
N ALA A 151 59.15 -16.43 23.90
CA ALA A 151 58.81 -15.50 22.84
C ALA A 151 60.06 -14.73 22.39
N LEU A 152 60.21 -14.55 21.08
CA LEU A 152 61.30 -13.79 20.50
C LEU A 152 60.78 -13.08 19.26
N GLY A 153 61.49 -12.03 18.79
CA GLY A 153 60.96 -11.25 17.67
C GLY A 153 61.91 -10.21 17.09
N CYS A 154 61.38 -9.49 16.10
CA CYS A 154 62.06 -8.34 15.49
C CYS A 154 61.20 -7.09 15.65
N LEU A 155 61.79 -6.02 16.17
CA LEU A 155 61.14 -4.71 16.14
C LEU A 155 61.56 -3.98 14.87
N VAL A 156 60.62 -3.78 13.95
CA VAL A 156 60.89 -3.21 12.63
C VAL A 156 60.47 -1.74 12.69
N LYS A 157 61.44 -0.85 12.86
CA LYS A 157 61.17 0.51 13.31
C LYS A 157 61.52 1.58 12.27
N ASP A 158 60.68 2.62 12.21
CA ASP A 158 60.92 3.90 11.53
C ASP A 158 61.16 3.70 10.03
N TYR A 159 60.10 3.27 9.35
CA TYR A 159 60.16 3.13 7.90
C TYR A 159 58.98 3.84 7.26
N PHE A 160 59.15 4.24 5.99
CA PHE A 160 58.10 4.88 5.21
C PHE A 160 58.30 4.62 3.73
N PRO A 161 57.21 4.45 2.95
CA PRO A 161 55.82 4.30 3.39
C PRO A 161 55.56 2.85 3.65
N GLU A 162 54.30 2.45 3.86
CA GLU A 162 53.94 1.04 3.89
C GLU A 162 54.15 0.45 2.49
N PRO A 163 54.35 -0.87 2.39
CA PRO A 163 54.40 -1.90 3.41
C PRO A 163 55.76 -2.55 3.55
N VAL A 164 55.93 -3.29 4.63
CA VAL A 164 57.03 -4.24 4.78
C VAL A 164 56.42 -5.63 4.85
N THR A 165 57.20 -6.62 4.42
CA THR A 165 56.85 -8.00 4.71
C THR A 165 57.90 -8.59 5.63
N VAL A 166 57.44 -9.49 6.50
CA VAL A 166 58.33 -10.18 7.43
C VAL A 166 58.11 -11.67 7.25
N SER A 167 59.19 -12.41 7.12
CA SER A 167 59.16 -13.86 7.18
C SER A 167 60.17 -14.29 8.24
N TRP A 168 60.20 -15.58 8.53
CA TRP A 168 61.11 -16.13 9.53
C TRP A 168 61.84 -17.32 8.94
N ASN A 169 63.17 -17.32 9.07
CA ASN A 169 64.01 -18.35 8.48
C ASN A 169 63.63 -18.60 7.02
N SER A 170 63.43 -17.50 6.28
CA SER A 170 63.20 -17.54 4.85
C SER A 170 61.94 -18.33 4.48
N GLY A 171 60.94 -18.29 5.37
CA GLY A 171 59.65 -18.93 5.15
C GLY A 171 59.56 -20.36 5.62
N ALA A 172 60.58 -20.88 6.30
CA ALA A 172 60.51 -22.25 6.77
C ALA A 172 59.99 -22.35 8.20
N LEU A 173 60.17 -21.29 8.99
CA LEU A 173 59.51 -21.16 10.29
C LEU A 173 58.25 -20.33 10.09
N THR A 174 57.09 -20.98 10.21
CA THR A 174 55.80 -20.32 10.00
C THR A 174 54.88 -20.43 11.21
N SER A 175 54.83 -21.58 11.88
CA SER A 175 53.84 -21.81 12.92
C SER A 175 54.20 -21.05 14.20
N GLY A 176 53.23 -20.31 14.72
CA GLY A 176 53.45 -19.49 15.88
C GLY A 176 53.80 -18.06 15.57
N VAL A 177 54.03 -17.71 14.30
CA VAL A 177 54.42 -16.35 13.96
C VAL A 177 53.22 -15.42 14.07
N HIS A 178 53.43 -14.26 14.70
CA HIS A 178 52.49 -13.13 14.60
C HIS A 178 53.25 -11.89 14.14
N THR A 179 53.01 -11.48 12.88
CA THR A 179 53.47 -10.17 12.41
C THR A 179 52.35 -9.15 12.60
N PHE A 180 52.54 -8.22 13.52
CA PHE A 180 51.48 -7.28 13.85
C PHE A 180 51.25 -6.26 12.73
N PRO A 181 50.04 -5.72 12.61
CA PRO A 181 49.84 -4.56 11.71
C PRO A 181 50.70 -3.40 12.16
N ALA A 182 51.13 -2.59 11.20
CA ALA A 182 52.00 -1.46 11.53
C ALA A 182 51.21 -0.35 12.21
N VAL A 183 51.92 0.47 12.95
CA VAL A 183 51.32 1.65 13.55
C VAL A 183 52.02 2.87 12.97
N LEU A 184 51.29 3.97 12.88
CA LEU A 184 51.87 5.24 12.44
C LEU A 184 52.33 6.01 13.67
N GLN A 185 53.64 6.11 13.85
CA GLN A 185 54.17 6.90 14.95
C GLN A 185 53.96 8.39 14.70
N SER A 186 54.12 9.18 15.76
CA SER A 186 53.99 10.62 15.58
C SER A 186 55.21 11.22 14.89
N SER A 187 56.26 10.44 14.63
CA SER A 187 57.32 10.95 13.76
C SER A 187 56.85 11.03 12.32
N GLY A 188 55.77 10.32 11.97
CA GLY A 188 55.36 10.13 10.59
C GLY A 188 55.88 8.86 9.96
N LEU A 189 56.62 8.05 10.72
CA LEU A 189 57.16 6.79 10.23
C LEU A 189 56.38 5.62 10.82
N TYR A 190 56.19 4.59 10.02
CA TYR A 190 55.54 3.37 10.44
C TYR A 190 56.49 2.49 11.25
N SER A 191 55.91 1.67 12.10
CA SER A 191 56.67 0.83 13.00
C SER A 191 55.83 -0.40 13.33
N LEU A 192 56.48 -1.55 13.42
CA LEU A 192 55.76 -2.78 13.75
C LEU A 192 56.71 -3.76 14.41
N SER A 193 56.14 -4.86 14.93
CA SER A 193 56.90 -5.98 15.48
C SER A 193 56.45 -7.28 14.83
N SER A 194 57.34 -8.26 14.81
CA SER A 194 57.00 -9.62 14.41
C SER A 194 57.57 -10.56 15.45
N VAL A 195 56.71 -11.36 16.06
CA VAL A 195 57.08 -12.26 17.14
C VAL A 195 56.74 -13.69 16.73
N VAL A 196 57.29 -14.62 17.48
CA VAL A 196 57.05 -16.03 17.29
C VAL A 196 57.34 -16.68 18.63
N THR A 197 56.56 -17.69 19.00
CA THR A 197 56.82 -18.43 20.23
C THR A 197 57.36 -19.81 19.87
N VAL A 198 58.30 -20.29 20.67
CA VAL A 198 59.09 -21.46 20.31
C VAL A 198 59.37 -22.23 21.59
N PRO A 199 59.69 -23.51 21.53
CA PRO A 199 60.11 -24.21 22.75
C PRO A 199 61.32 -23.52 23.36
N SER A 200 61.24 -23.25 24.67
CA SER A 200 62.41 -22.80 25.40
C SER A 200 63.61 -23.70 25.14
N SER A 201 63.39 -25.01 25.16
CA SER A 201 64.46 -25.97 24.93
C SER A 201 65.15 -25.79 23.58
N SER A 202 64.54 -25.07 22.65
CA SER A 202 65.12 -25.00 21.31
C SER A 202 66.11 -23.85 21.11
N LEU A 203 66.16 -22.89 22.05
CA LEU A 203 67.05 -21.74 21.89
C LEU A 203 68.50 -22.16 21.69
N GLY A 204 68.92 -23.24 22.36
CA GLY A 204 70.32 -23.62 22.28
C GLY A 204 70.79 -24.05 20.89
N THR A 205 69.87 -24.43 20.01
CA THR A 205 70.20 -25.19 18.80
C THR A 205 69.51 -24.65 17.56
N GLN A 206 68.32 -24.08 17.73
CA GLN A 206 67.62 -23.46 16.61
C GLN A 206 68.11 -22.04 16.40
N THR A 207 68.24 -21.67 15.14
CA THR A 207 68.61 -20.31 14.75
C THR A 207 67.40 -19.61 14.18
N TYR A 208 67.12 -18.41 14.69
CA TYR A 208 65.92 -17.65 14.33
C TYR A 208 66.33 -16.33 13.67
N ILE A 209 66.07 -16.22 12.37
CA ILE A 209 66.39 -15.04 11.59
C ILE A 209 65.08 -14.52 11.03
N CYS A 210 64.77 -13.26 11.31
CA CYS A 210 63.67 -12.61 10.61
C CYS A 210 64.19 -11.91 9.34
N ASN A 211 63.40 -11.96 8.28
CA ASN A 211 63.75 -11.35 7.01
C ASN A 211 62.74 -10.23 6.73
N VAL A 212 63.19 -8.99 6.73
CA VAL A 212 62.30 -7.85 6.59
C VAL A 212 62.55 -7.21 5.24
N ASN A 213 61.52 -7.18 4.40
CA ASN A 213 61.67 -6.60 3.07
C ASN A 213 60.85 -5.33 2.98
N HIS A 214 61.41 -4.32 2.32
CA HIS A 214 60.73 -3.03 2.18
C HIS A 214 60.96 -2.53 0.75
N LYS A 215 60.07 -2.95 -0.16
CA LYS A 215 60.29 -2.66 -1.58
C LYS A 215 60.36 -1.16 -1.91
N PRO A 216 59.61 -0.26 -1.24
CA PRO A 216 59.75 1.17 -1.57
C PRO A 216 61.16 1.70 -1.47
N SER A 217 61.98 1.19 -0.55
CA SER A 217 63.36 1.62 -0.42
C SER A 217 64.36 0.62 -1.01
N ASN A 218 63.88 -0.53 -1.52
CA ASN A 218 64.73 -1.60 -2.03
C ASN A 218 65.69 -2.11 -0.96
N THR A 219 65.16 -2.32 0.24
CA THR A 219 65.94 -2.68 1.42
C THR A 219 65.39 -3.96 2.05
N LYS A 220 66.22 -4.98 2.09
CA LYS A 220 65.94 -6.21 2.80
C LYS A 220 66.89 -6.28 4.00
N VAL A 221 66.35 -6.57 5.18
CA VAL A 221 67.17 -6.71 6.38
C VAL A 221 66.95 -8.11 6.97
N ASP A 222 68.04 -8.84 7.17
CA ASP A 222 67.99 -10.13 7.82
C ASP A 222 68.70 -9.96 9.16
N LYS A 223 67.98 -10.30 10.24
CA LYS A 223 68.46 -10.10 11.61
C LYS A 223 68.36 -11.42 12.37
N LYS A 224 69.48 -11.88 12.89
CA LYS A 224 69.50 -13.06 13.73
C LYS A 224 69.23 -12.63 15.17
N VAL A 225 68.16 -13.17 15.75
CA VAL A 225 67.75 -12.86 17.12
C VAL A 225 68.35 -13.91 18.03
N GLU A 226 69.23 -13.49 18.94
CA GLU A 226 69.88 -14.49 19.78
C GLU A 226 69.36 -14.41 21.22
N PRO A 227 69.47 -15.49 21.98
CA PRO A 227 69.07 -15.42 23.39
C PRO A 227 69.98 -14.46 24.13
N LYS A 228 69.39 -13.65 25.00
CA LYS A 228 70.17 -12.76 25.85
C LYS A 228 70.49 -13.54 27.12
N SER A 229 71.77 -13.88 27.30
CA SER A 229 72.20 -14.64 28.48
C SER A 229 72.65 -13.75 29.63
N CYS A 230 72.89 -12.45 29.38
CA CYS A 230 73.40 -11.49 30.37
C CYS A 230 74.33 -12.10 31.44
N GLU B 1 20.64 14.78 7.60
CA GLU B 1 21.33 13.55 7.22
C GLU B 1 20.68 12.33 7.87
N ILE B 2 20.42 11.31 7.06
CA ILE B 2 19.92 10.04 7.59
C ILE B 2 21.13 9.32 8.19
N VAL B 3 21.20 9.25 9.51
CA VAL B 3 22.31 8.60 10.19
C VAL B 3 21.96 7.15 10.41
N LEU B 4 22.88 6.25 10.08
CA LEU B 4 22.70 4.81 10.23
C LEU B 4 23.56 4.30 11.39
N THR B 5 22.89 3.71 12.40
CA THR B 5 23.55 3.13 13.56
C THR B 5 23.40 1.61 13.55
N GLN B 6 24.52 0.89 13.52
CA GLN B 6 24.50 -0.57 13.55
C GLN B 6 24.90 -1.05 14.94
N SER B 7 24.28 -2.13 15.39
CA SER B 7 24.49 -2.67 16.72
C SER B 7 24.34 -4.20 16.69
N PRO B 8 25.09 -4.91 17.55
CA PRO B 8 26.10 -4.34 18.42
C PRO B 8 27.33 -3.93 17.60
N GLY B 9 28.30 -3.28 18.22
CA GLY B 9 29.55 -3.06 17.52
C GLY B 9 30.18 -4.37 17.07
N THR B 10 30.33 -5.30 18.00
CA THR B 10 30.92 -6.60 17.72
C THR B 10 29.94 -7.71 18.12
N LEU B 11 29.83 -8.70 17.24
CA LEU B 11 28.94 -9.84 17.42
C LEU B 11 29.80 -11.09 17.53
N SER B 12 29.72 -11.78 18.67
CA SER B 12 30.58 -12.94 18.93
C SER B 12 29.72 -14.20 18.90
N LEU B 13 29.87 -15.00 17.85
CA LEU B 13 29.01 -16.13 17.62
C LEU B 13 29.84 -17.31 17.14
N SER B 14 29.24 -18.50 17.16
CA SER B 14 29.97 -19.70 16.80
C SER B 14 29.61 -20.16 15.40
N PRO B 15 30.49 -20.92 14.74
CA PRO B 15 30.13 -21.54 13.47
C PRO B 15 28.84 -22.33 13.60
N GLY B 16 27.91 -22.08 12.69
CA GLY B 16 26.62 -22.75 12.69
C GLY B 16 25.52 -22.03 13.45
N GLU B 17 25.85 -21.04 14.28
CA GLU B 17 24.85 -20.26 14.97
C GLU B 17 24.24 -19.24 14.01
N ARG B 18 23.25 -18.50 14.52
CA ARG B 18 22.46 -17.57 13.72
C ARG B 18 22.89 -16.14 14.03
N ALA B 19 23.09 -15.35 12.98
CA ALA B 19 23.58 -13.98 13.11
C ALA B 19 22.46 -13.01 12.79
N THR B 20 22.22 -12.07 13.71
CA THR B 20 21.15 -11.08 13.57
C THR B 20 21.75 -9.71 13.83
N LEU B 21 21.93 -8.94 12.76
CA LEU B 21 22.64 -7.67 12.79
C LEU B 21 21.64 -6.56 12.60
N SER B 22 21.75 -5.51 13.40
CA SER B 22 20.76 -4.45 13.35
C SER B 22 21.30 -3.22 12.62
N CYS B 23 20.41 -2.50 11.96
CA CYS B 23 20.72 -1.22 11.33
C CYS B 23 19.53 -0.31 11.55
N ARG B 24 19.71 0.76 12.32
CA ARG B 24 18.63 1.68 12.66
C ARG B 24 18.89 3.06 12.06
N ALA B 25 17.82 3.73 11.65
CA ALA B 25 17.91 4.96 10.87
C ALA B 25 17.25 6.11 11.62
N SER B 26 17.91 7.27 11.60
CA SER B 26 17.37 8.42 12.33
C SER B 26 16.11 8.99 11.67
N GLN B 27 15.76 8.55 10.47
CA GLN B 27 14.47 8.84 9.85
C GLN B 27 14.07 7.65 8.98
N THR B 28 12.90 7.76 8.37
CA THR B 28 12.42 6.73 7.46
C THR B 28 13.34 6.55 6.26
N VAL B 29 13.74 5.32 6.02
CA VAL B 29 14.47 4.91 4.83
C VAL B 29 13.56 3.99 4.03
N SER B 30 13.20 4.38 2.81
CA SER B 30 12.40 3.51 1.96
C SER B 30 13.12 2.19 1.71
N SER B 31 12.35 1.09 1.74
CA SER B 31 12.93 -0.24 1.60
C SER B 31 13.61 -0.41 0.25
N THR B 32 13.23 0.38 -0.75
CA THR B 32 13.93 0.35 -2.03
C THR B 32 15.39 0.77 -1.91
N SER B 33 15.75 1.52 -0.88
CA SER B 33 17.05 2.18 -0.86
C SER B 33 17.89 1.77 0.35
N LEU B 34 17.89 0.49 0.70
CA LEU B 34 18.73 0.01 1.78
C LEU B 34 19.53 -1.19 1.32
N ALA B 35 20.80 -1.24 1.69
CA ALA B 35 21.71 -2.26 1.16
C ALA B 35 22.68 -2.72 2.25
N TRP B 36 23.11 -3.98 2.15
CA TRP B 36 24.14 -4.51 3.04
C TRP B 36 25.39 -4.94 2.27
N TYR B 37 26.57 -4.64 2.83
CA TYR B 37 27.82 -5.12 2.28
C TYR B 37 28.59 -5.93 3.31
N GLN B 38 29.35 -6.90 2.81
CA GLN B 38 30.30 -7.66 3.60
C GLN B 38 31.71 -7.24 3.18
N GLN B 39 32.63 -7.08 4.13
CA GLN B 39 34.03 -6.79 3.83
C GLN B 39 34.93 -7.65 4.73
N LYS B 40 35.56 -8.66 4.14
CA LYS B 40 36.62 -9.42 4.82
C LYS B 40 37.91 -8.59 4.86
N PRO B 41 38.79 -8.86 5.83
CA PRO B 41 40.02 -8.05 5.95
C PRO B 41 40.95 -8.24 4.76
N GLY B 42 41.47 -7.12 4.27
CA GLY B 42 42.34 -7.15 3.11
C GLY B 42 41.63 -7.26 1.78
N GLN B 43 40.30 -7.23 1.74
CA GLN B 43 39.56 -7.29 0.49
C GLN B 43 38.63 -6.08 0.38
N ALA B 44 38.10 -5.89 -0.84
CA ALA B 44 37.11 -4.85 -1.08
C ALA B 44 35.72 -5.30 -0.62
N PRO B 45 34.88 -4.36 -0.18
CA PRO B 45 33.47 -4.67 0.07
C PRO B 45 32.83 -5.39 -1.10
N ARG B 46 31.86 -6.26 -0.77
CA ARG B 46 31.05 -7.03 -1.70
C ARG B 46 29.59 -6.75 -1.39
N LEU B 47 28.78 -6.54 -2.44
CA LEU B 47 27.34 -6.34 -2.23
C LEU B 47 26.66 -7.66 -1.89
N LEU B 48 25.80 -7.63 -0.86
CA LEU B 48 25.05 -8.78 -0.36
C LEU B 48 23.56 -8.64 -0.63
N ILE B 49 22.95 -7.57 -0.10
CA ILE B 49 21.52 -7.34 -0.19
C ILE B 49 21.31 -5.91 -0.65
N TYR B 50 20.37 -5.73 -1.57
CA TYR B 50 19.92 -4.41 -1.98
C TYR B 50 18.40 -4.39 -1.86
N GLY B 51 17.84 -3.19 -1.73
CA GLY B 51 16.40 -3.08 -1.58
C GLY B 51 15.89 -3.84 -0.39
N ALA B 52 16.60 -3.76 0.75
CA ALA B 52 16.23 -4.35 2.04
C ALA B 52 16.25 -5.88 2.06
N SER B 53 15.68 -6.53 1.05
CA SER B 53 15.52 -7.99 1.08
C SER B 53 15.96 -8.73 -0.18
N SER B 54 16.41 -8.03 -1.22
CA SER B 54 16.80 -8.68 -2.48
C SER B 54 18.26 -9.11 -2.41
N ARG B 55 18.52 -10.36 -2.78
CA ARG B 55 19.86 -10.92 -2.77
C ARG B 55 20.61 -10.58 -4.08
N ALA B 56 21.82 -10.03 -3.94
CA ALA B 56 22.69 -9.85 -5.10
C ALA B 56 23.15 -11.19 -5.65
N THR B 57 23.39 -11.25 -6.96
CA THR B 57 23.65 -12.54 -7.60
C THR B 57 24.92 -13.16 -7.05
N GLY B 58 24.92 -14.49 -7.02
CA GLY B 58 26.02 -15.24 -6.45
C GLY B 58 26.01 -15.34 -4.94
N ILE B 59 25.22 -14.54 -4.25
CA ILE B 59 25.28 -14.51 -2.79
C ILE B 59 24.57 -15.75 -2.24
N PRO B 60 25.19 -16.47 -1.28
CA PRO B 60 24.53 -17.66 -0.72
C PRO B 60 23.16 -17.32 -0.14
N ASP B 61 22.25 -18.28 -0.24
CA ASP B 61 20.89 -18.02 0.24
C ASP B 61 20.82 -18.02 1.76
N ARG B 62 21.89 -18.37 2.47
CA ARG B 62 21.87 -18.21 3.92
C ARG B 62 21.87 -16.76 4.36
N PHE B 63 22.15 -15.82 3.46
CA PHE B 63 22.00 -14.40 3.76
C PHE B 63 20.58 -13.98 3.41
N SER B 64 19.96 -13.20 4.29
CA SER B 64 18.68 -12.58 3.97
C SER B 64 18.56 -11.29 4.75
N GLY B 65 17.64 -10.44 4.31
CA GLY B 65 17.46 -9.14 4.92
C GLY B 65 15.98 -8.82 4.99
N SER B 66 15.64 -7.94 5.93
CA SER B 66 14.25 -7.54 6.14
C SER B 66 14.21 -6.20 6.85
N GLY B 67 13.00 -5.78 7.17
CA GLY B 67 12.73 -4.54 7.89
C GLY B 67 12.07 -3.52 6.98
N SER B 68 11.90 -2.33 7.56
CA SER B 68 11.24 -1.21 6.93
C SER B 68 11.12 -0.09 7.95
N GLY B 69 10.66 1.07 7.52
CA GLY B 69 10.66 2.24 8.39
C GLY B 69 12.08 2.60 8.78
N THR B 70 12.43 2.35 10.04
CA THR B 70 13.73 2.71 10.57
C THR B 70 14.52 1.53 11.06
N ASP B 71 13.98 0.31 10.99
CA ASP B 71 14.64 -0.87 11.53
C ASP B 71 14.84 -1.88 10.42
N PHE B 72 16.10 -2.27 10.21
CA PHE B 72 16.47 -3.25 9.21
C PHE B 72 17.39 -4.30 9.82
N THR B 73 17.26 -5.53 9.32
CA THR B 73 17.96 -6.66 9.90
C THR B 73 18.65 -7.44 8.79
N LEU B 74 19.88 -7.90 9.06
CA LEU B 74 20.54 -8.86 8.19
C LEU B 74 20.68 -10.15 8.98
N THR B 75 20.26 -11.26 8.38
CA THR B 75 20.27 -12.56 9.04
C THR B 75 21.20 -13.48 8.29
N ILE B 76 22.18 -14.04 9.00
CA ILE B 76 22.96 -15.16 8.52
C ILE B 76 22.47 -16.37 9.31
N SER B 77 21.67 -17.21 8.65
CA SER B 77 20.95 -18.25 9.38
C SER B 77 21.89 -19.30 9.94
N ARG B 78 22.98 -19.57 9.22
CA ARG B 78 23.99 -20.53 9.67
C ARG B 78 25.36 -19.97 9.30
N LEU B 79 26.19 -19.74 10.31
CA LEU B 79 27.49 -19.09 10.10
C LEU B 79 28.52 -20.10 9.61
N GLU B 80 29.03 -19.88 8.39
CA GLU B 80 30.20 -20.55 7.86
C GLU B 80 31.44 -19.74 8.21
N PRO B 81 32.63 -20.37 8.20
CA PRO B 81 33.84 -19.59 8.52
C PRO B 81 34.05 -18.41 7.59
N GLU B 82 33.64 -18.53 6.33
CA GLU B 82 33.76 -17.42 5.39
C GLU B 82 32.94 -16.21 5.80
N ASP B 83 31.94 -16.40 6.67
CA ASP B 83 31.00 -15.32 6.98
C ASP B 83 31.48 -14.39 8.07
N PHE B 84 32.56 -14.75 8.77
CA PHE B 84 33.09 -13.93 9.85
C PHE B 84 33.88 -12.78 9.25
N ALA B 85 33.31 -11.58 9.31
CA ALA B 85 33.75 -10.41 8.56
C ALA B 85 33.07 -9.19 9.19
N VAL B 86 33.21 -8.03 8.56
CA VAL B 86 32.48 -6.83 8.96
C VAL B 86 31.30 -6.69 8.01
N TYR B 87 30.23 -6.04 8.46
CA TYR B 87 29.02 -5.85 7.66
C TYR B 87 28.57 -4.41 7.80
N TYR B 88 28.41 -3.74 6.67
CA TYR B 88 27.96 -2.37 6.62
C TYR B 88 26.58 -2.32 5.97
N CYS B 89 25.69 -1.53 6.55
CA CYS B 89 24.46 -1.16 5.87
C CYS B 89 24.62 0.22 5.25
N GLN B 90 23.74 0.53 4.30
CA GLN B 90 23.87 1.73 3.49
C GLN B 90 22.50 2.18 2.99
N GLN B 91 22.25 3.48 3.00
CA GLN B 91 20.99 4.02 2.47
C GLN B 91 21.23 5.07 1.38
N HIS B 92 20.30 5.13 0.42
CA HIS B 92 20.25 6.21 -0.56
C HIS B 92 18.81 6.66 -0.76
N ASP B 93 18.02 6.61 0.30
CA ASP B 93 16.73 7.29 0.33
C ASP B 93 16.91 8.81 0.27
N THR B 94 17.90 9.33 1.00
CA THR B 94 18.18 10.77 1.01
C THR B 94 19.69 10.98 1.09
N SER B 95 20.27 11.45 -0.02
CA SER B 95 21.73 11.52 -0.19
C SER B 95 22.24 10.08 -0.11
N LEU B 96 23.34 9.82 0.59
CA LEU B 96 23.83 8.45 0.72
C LEU B 96 24.77 8.38 1.92
N THR B 97 24.43 7.53 2.89
CA THR B 97 25.26 7.35 4.08
C THR B 97 25.44 5.86 4.39
N PHE B 98 26.46 5.57 5.18
CA PHE B 98 26.77 4.22 5.59
C PHE B 98 26.55 4.04 7.08
N GLY B 99 26.39 2.78 7.48
CA GLY B 99 26.47 2.44 8.88
C GLY B 99 27.90 2.42 9.30
N GLY B 100 28.12 2.33 10.61
CA GLY B 100 29.48 2.24 11.13
C GLY B 100 30.08 0.86 11.06
N GLY B 101 29.29 -0.14 10.68
CA GLY B 101 29.77 -1.50 10.60
C GLY B 101 29.49 -2.30 11.85
N THR B 102 29.21 -3.59 11.64
CA THR B 102 29.18 -4.58 12.71
C THR B 102 30.17 -5.68 12.37
N LYS B 103 31.08 -5.98 13.30
CA LYS B 103 32.02 -7.08 13.14
C LYS B 103 31.43 -8.38 13.71
N VAL B 104 31.45 -9.43 12.90
CA VAL B 104 31.03 -10.77 13.32
C VAL B 104 32.28 -11.62 13.48
N GLU B 105 32.67 -11.89 14.73
CA GLU B 105 33.85 -12.67 15.05
C GLU B 105 33.45 -14.03 15.63
N ILE B 106 34.41 -14.96 15.61
CA ILE B 106 34.20 -16.31 16.14
C ILE B 106 34.30 -16.31 17.66
N LYS B 107 33.23 -16.73 18.33
CA LYS B 107 33.23 -16.95 19.77
C LYS B 107 33.91 -18.28 20.10
N ARG B 108 34.77 -18.26 21.11
CA ARG B 108 35.48 -19.45 21.57
C ARG B 108 35.58 -19.41 23.09
N THR B 109 36.06 -20.51 23.67
CA THR B 109 36.29 -20.55 25.10
C THR B 109 37.36 -19.54 25.50
N VAL B 110 37.17 -18.93 26.68
CA VAL B 110 38.08 -17.86 27.09
C VAL B 110 39.51 -18.41 27.23
N ALA B 111 40.50 -17.55 26.92
CA ALA B 111 41.90 -17.96 26.93
C ALA B 111 42.73 -16.83 27.49
N ALA B 112 43.49 -17.12 28.54
CA ALA B 112 44.29 -16.09 29.18
C ALA B 112 45.52 -15.80 28.33
N PRO B 113 45.87 -14.53 28.13
CA PRO B 113 47.09 -14.22 27.37
C PRO B 113 48.31 -14.77 28.06
N SER B 114 49.19 -15.35 27.28
CA SER B 114 50.54 -15.58 27.74
C SER B 114 51.31 -14.29 27.49
N VAL B 115 51.92 -13.72 28.54
CA VAL B 115 52.40 -12.33 28.51
C VAL B 115 53.93 -12.30 28.61
N PHE B 116 54.56 -11.55 27.69
CA PHE B 116 56.01 -11.37 27.69
C PHE B 116 56.33 -9.88 27.66
N ILE B 117 57.43 -9.49 28.31
CA ILE B 117 57.91 -8.12 28.26
C ILE B 117 59.34 -8.13 27.74
N PHE B 118 59.64 -7.19 26.85
CA PHE B 118 60.92 -7.11 26.15
C PHE B 118 61.60 -5.80 26.46
N PRO B 119 62.74 -5.83 27.12
CA PRO B 119 63.58 -4.63 27.25
C PRO B 119 64.10 -4.17 25.90
N PRO B 120 64.43 -2.89 25.79
CA PRO B 120 65.09 -2.39 24.58
C PRO B 120 66.37 -3.14 24.33
N SER B 121 66.64 -3.42 23.06
CA SER B 121 67.94 -3.95 22.70
C SER B 121 69.00 -2.90 22.98
N ASP B 122 70.18 -3.35 23.39
CA ASP B 122 71.26 -2.40 23.60
C ASP B 122 71.64 -1.75 22.28
N GLU B 123 71.52 -2.52 21.20
CA GLU B 123 71.71 -2.00 19.86
C GLU B 123 70.88 -0.74 19.62
N GLN B 124 69.62 -0.74 20.05
CA GLN B 124 68.75 0.40 19.81
C GLN B 124 69.10 1.56 20.73
N LEU B 125 69.41 1.26 21.99
CA LEU B 125 69.70 2.31 22.97
C LEU B 125 70.82 3.25 22.49
N LYS B 126 71.87 2.71 21.88
CA LYS B 126 72.98 3.52 21.40
C LYS B 126 72.52 4.63 20.46
N SER B 127 71.36 4.47 19.83
CA SER B 127 70.83 5.45 18.88
C SER B 127 69.98 6.52 19.53
N GLY B 128 69.68 6.40 20.83
CA GLY B 128 69.02 7.46 21.56
C GLY B 128 67.54 7.30 21.84
N THR B 129 66.96 6.13 21.59
CA THR B 129 65.55 5.87 21.91
C THR B 129 65.37 4.47 22.47
N ALA B 130 64.32 4.30 23.27
CA ALA B 130 64.06 3.04 23.95
C ALA B 130 62.66 2.56 23.60
N SER B 131 62.56 1.42 22.91
CA SER B 131 61.27 0.74 22.71
C SER B 131 61.19 -0.47 23.64
N VAL B 132 60.28 -0.38 24.63
CA VAL B 132 59.91 -1.51 25.48
C VAL B 132 58.65 -2.14 24.90
N VAL B 133 58.70 -3.44 24.63
CA VAL B 133 57.60 -4.12 23.96
C VAL B 133 56.94 -5.12 24.95
N CYS B 134 55.61 -5.06 25.05
CA CYS B 134 54.83 -6.02 25.85
C CYS B 134 53.94 -6.82 24.93
N LEU B 135 54.10 -8.14 24.94
CA LEU B 135 53.40 -9.06 24.04
C LEU B 135 52.31 -9.84 24.80
N LEU B 136 51.07 -9.75 24.32
CA LEU B 136 49.95 -10.57 24.80
C LEU B 136 49.64 -11.60 23.71
N ASN B 137 50.06 -12.84 23.91
CA ASN B 137 50.01 -13.84 22.86
C ASN B 137 48.81 -14.79 23.03
N ASN B 138 47.94 -14.85 22.01
CA ASN B 138 46.93 -15.91 21.84
C ASN B 138 45.85 -15.88 22.93
N PHE B 139 45.11 -14.77 23.00
CA PHE B 139 44.14 -14.58 24.07
C PHE B 139 42.75 -14.39 23.48
N TYR B 140 41.72 -14.63 24.31
CA TYR B 140 40.32 -14.38 23.97
C TYR B 140 39.54 -14.14 25.27
N PRO B 141 38.63 -13.16 25.30
CA PRO B 141 38.19 -12.29 24.20
C PRO B 141 39.18 -11.17 23.92
N ARG B 142 38.86 -10.34 22.92
CA ARG B 142 39.80 -9.32 22.45
C ARG B 142 39.99 -8.23 23.49
N GLU B 143 38.91 -7.84 24.19
CA GLU B 143 38.97 -6.74 25.14
C GLU B 143 40.01 -7.01 26.22
N ALA B 144 40.89 -6.03 26.43
CA ALA B 144 42.05 -6.23 27.28
C ALA B 144 42.68 -4.87 27.57
N LYS B 145 42.88 -4.54 28.84
CA LYS B 145 43.44 -3.27 29.23
C LYS B 145 44.91 -3.48 29.56
N VAL B 146 45.79 -2.80 28.83
CA VAL B 146 47.23 -2.88 29.01
C VAL B 146 47.70 -1.55 29.58
N GLN B 147 48.40 -1.58 30.72
CA GLN B 147 48.94 -0.36 31.29
C GLN B 147 50.43 -0.50 31.54
N TRP B 148 51.14 0.61 31.34
CA TRP B 148 52.58 0.66 31.56
C TRP B 148 52.84 1.41 32.87
N LYS B 149 53.65 0.81 33.74
CA LYS B 149 54.12 1.48 34.94
C LYS B 149 55.66 1.46 34.98
N VAL B 150 56.25 2.58 35.39
CA VAL B 150 57.71 2.75 35.44
C VAL B 150 58.10 3.26 36.82
N ASP B 151 58.87 2.46 37.56
CA ASP B 151 59.09 2.66 38.99
C ASP B 151 57.75 2.91 39.69
N ASN B 152 56.74 2.13 39.30
CA ASN B 152 55.38 2.10 39.82
C ASN B 152 54.55 3.31 39.41
N ALA B 153 55.04 4.13 38.49
CA ALA B 153 54.33 5.29 38.00
C ALA B 153 53.60 4.95 36.69
N LEU B 154 52.27 5.06 36.71
CA LEU B 154 51.47 4.72 35.53
C LEU B 154 51.68 5.74 34.41
N GLN B 155 52.00 5.23 33.21
CA GLN B 155 52.32 6.02 32.02
C GLN B 155 51.08 6.30 31.18
N SER B 156 51.08 7.44 30.48
CA SER B 156 49.99 7.72 29.55
C SER B 156 50.48 8.53 28.35
N GLY B 157 49.97 8.16 27.17
CA GLY B 157 50.24 8.91 25.96
C GLY B 157 51.62 8.72 25.37
N ASN B 158 52.33 7.68 25.78
CA ASN B 158 53.63 7.34 25.22
C ASN B 158 53.71 5.86 24.89
N SER B 159 52.57 5.24 24.61
CA SER B 159 52.55 3.87 24.13
C SER B 159 51.56 3.77 22.99
N GLN B 160 51.73 2.72 22.17
CA GLN B 160 50.86 2.42 21.05
C GLN B 160 50.66 0.91 20.95
N GLU B 161 49.47 0.51 20.48
CA GLU B 161 49.08 -0.90 20.43
C GLU B 161 48.72 -1.36 19.02
N SER B 162 48.87 -2.65 18.80
CA SER B 162 48.49 -3.29 17.54
C SER B 162 47.94 -4.68 17.84
N VAL B 163 46.85 -5.04 17.18
CA VAL B 163 46.17 -6.31 17.40
C VAL B 163 46.16 -7.10 16.10
N THR B 164 46.40 -8.40 16.20
CA THR B 164 46.27 -9.19 14.99
C THR B 164 44.80 -9.44 14.67
N GLU B 165 44.56 -9.98 13.49
CA GLU B 165 43.22 -10.48 13.21
C GLU B 165 43.04 -11.84 13.90
N GLN B 166 41.78 -12.24 14.04
CA GLN B 166 41.47 -13.48 14.74
C GLN B 166 42.12 -14.67 14.03
N ASP B 167 42.81 -15.50 14.80
CA ASP B 167 43.61 -16.55 14.21
C ASP B 167 42.78 -17.57 13.43
N SER B 168 43.32 -18.05 12.31
CA SER B 168 42.62 -19.03 11.49
C SER B 168 42.52 -20.39 12.17
N LYS B 169 43.43 -20.72 13.09
CA LYS B 169 43.43 -22.03 13.73
C LYS B 169 42.75 -22.04 15.10
N ASP B 170 43.14 -21.15 16.03
CA ASP B 170 42.60 -21.21 17.38
C ASP B 170 41.67 -20.05 17.73
N SER B 171 41.35 -19.19 16.76
CA SER B 171 40.38 -18.11 16.92
C SER B 171 40.79 -17.10 17.98
N THR B 172 42.08 -17.00 18.30
CA THR B 172 42.53 -16.08 19.31
C THR B 172 43.06 -14.81 18.68
N TYR B 173 43.43 -13.88 19.55
CA TYR B 173 44.06 -12.63 19.20
C TYR B 173 45.44 -12.59 19.86
N SER B 174 46.37 -11.87 19.25
CA SER B 174 47.54 -11.43 19.97
C SER B 174 47.61 -9.91 19.91
N LEU B 175 48.27 -9.31 20.89
CA LEU B 175 48.37 -7.86 20.97
C LEU B 175 49.78 -7.46 21.40
N SER B 176 50.27 -6.35 20.87
CA SER B 176 51.48 -5.75 21.37
C SER B 176 51.22 -4.32 21.82
N SER B 177 51.89 -3.94 22.90
CA SER B 177 51.94 -2.55 23.35
C SER B 177 53.41 -2.13 23.36
N THR B 178 53.72 -1.04 22.66
CA THR B 178 55.10 -0.57 22.59
C THR B 178 55.18 0.74 23.34
N LEU B 179 56.05 0.78 24.35
CA LEU B 179 56.34 1.98 25.12
C LEU B 179 57.63 2.62 24.61
N THR B 180 57.57 3.91 24.28
CA THR B 180 58.69 4.64 23.70
C THR B 180 59.17 5.74 24.64
N LEU B 181 60.41 5.63 25.10
CA LEU B 181 61.08 6.62 25.94
C LEU B 181 62.36 7.08 25.24
N SER B 182 62.85 8.25 25.66
CA SER B 182 64.20 8.64 25.25
C SER B 182 65.20 7.83 26.04
N LYS B 183 66.37 7.61 25.44
CA LYS B 183 67.41 6.87 26.16
C LYS B 183 67.65 7.47 27.54
N ALA B 184 67.57 8.79 27.66
CA ALA B 184 67.73 9.45 28.95
C ALA B 184 66.70 8.96 29.97
N ASP B 185 65.41 8.94 29.59
CA ASP B 185 64.38 8.59 30.57
C ASP B 185 64.42 7.10 30.92
N TYR B 186 64.61 6.25 29.91
CA TYR B 186 64.74 4.82 30.18
C TYR B 186 65.81 4.54 31.22
N GLU B 187 66.94 5.24 31.14
CA GLU B 187 68.04 5.02 32.06
C GLU B 187 67.81 5.68 33.42
N LYS B 188 66.87 6.62 33.53
CA LYS B 188 66.60 7.26 34.81
C LYS B 188 65.81 6.38 35.76
N HIS B 189 65.28 5.24 35.32
CA HIS B 189 64.36 4.45 36.14
C HIS B 189 64.79 2.98 36.12
N LYS B 190 64.13 2.20 36.99
CA LYS B 190 64.57 0.83 37.25
C LYS B 190 63.52 -0.20 36.86
N VAL B 191 62.31 -0.12 37.39
CA VAL B 191 61.31 -1.19 37.25
C VAL B 191 60.38 -0.87 36.09
N TYR B 192 60.40 -1.71 35.05
CA TYR B 192 59.51 -1.58 33.90
C TYR B 192 58.43 -2.67 33.97
N ALA B 193 57.17 -2.27 33.87
CA ALA B 193 56.10 -3.20 34.18
C ALA B 193 54.92 -3.02 33.23
N CYS B 194 54.48 -4.14 32.68
CA CYS B 194 53.31 -4.24 31.81
C CYS B 194 52.19 -4.94 32.57
N GLU B 195 51.04 -4.29 32.67
CA GLU B 195 49.94 -4.78 33.51
C GLU B 195 48.70 -5.05 32.65
N VAL B 196 48.39 -6.34 32.43
CA VAL B 196 47.32 -6.77 31.52
C VAL B 196 46.08 -7.14 32.31
N THR B 197 44.99 -6.42 32.11
CA THR B 197 43.73 -6.68 32.83
C THR B 197 42.64 -7.12 31.86
N GLN B 198 42.03 -8.27 32.13
CA GLN B 198 40.73 -8.58 31.52
C GLN B 198 39.85 -9.31 32.53
N GLY B 199 38.69 -8.72 32.79
CA GLY B 199 37.78 -9.30 33.74
C GLY B 199 38.25 -9.01 35.14
N THR B 200 38.31 -10.04 35.97
CA THR B 200 38.71 -9.91 37.36
C THR B 200 40.18 -10.23 37.58
N THR B 201 40.99 -10.23 36.54
CA THR B 201 42.36 -10.67 36.65
C THR B 201 43.29 -9.66 35.99
N SER B 202 44.29 -9.22 36.73
CA SER B 202 45.41 -8.44 36.20
C SER B 202 46.68 -9.27 36.34
N VAL B 203 47.47 -9.31 35.27
CA VAL B 203 48.76 -9.98 35.28
C VAL B 203 49.81 -8.93 34.91
N THR B 204 50.70 -8.63 35.86
CA THR B 204 51.80 -7.71 35.61
C THR B 204 53.06 -8.53 35.36
N LYS B 205 53.72 -8.24 34.25
CA LYS B 205 55.01 -8.81 33.92
C LYS B 205 56.03 -7.70 33.96
N SER B 206 57.16 -7.90 34.63
CA SER B 206 58.10 -6.79 34.79
C SER B 206 59.54 -7.24 34.56
N PHE B 207 60.43 -6.26 34.45
CA PHE B 207 61.86 -6.51 34.54
C PHE B 207 62.52 -5.31 35.21
N ASN B 208 63.73 -5.55 35.73
CA ASN B 208 64.56 -4.49 36.30
C ASN B 208 65.64 -4.11 35.31
N ARG B 209 65.78 -2.80 35.06
CA ARG B 209 66.72 -2.34 34.05
C ARG B 209 68.12 -2.82 34.37
N GLY B 210 68.79 -3.36 33.36
CA GLY B 210 70.12 -3.92 33.50
C GLY B 210 70.17 -5.28 34.14
N GLU B 211 69.15 -5.67 34.91
CA GLU B 211 69.18 -6.87 35.73
C GLU B 211 69.01 -8.13 34.88
N CYS B 212 69.69 -9.19 35.28
CA CYS B 212 69.77 -10.40 34.46
C CYS B 212 68.63 -11.36 34.75
N GLU C 1 -26.80 24.08 3.78
CA GLU C 1 -26.54 23.08 2.75
C GLU C 1 -27.50 23.28 1.57
N VAL C 2 -27.10 22.82 0.38
CA VAL C 2 -27.95 23.00 -0.80
C VAL C 2 -29.27 22.26 -0.60
N GLN C 3 -30.35 22.89 -1.03
CA GLN C 3 -31.68 22.30 -0.96
C GLN C 3 -32.26 22.17 -2.36
N LEU C 4 -32.86 21.01 -2.64
CA LEU C 4 -33.52 20.74 -3.90
C LEU C 4 -35.02 20.61 -3.65
N VAL C 5 -35.81 21.26 -4.51
CA VAL C 5 -37.26 21.28 -4.39
C VAL C 5 -37.85 20.88 -5.74
N GLU C 6 -38.38 19.65 -5.84
CA GLU C 6 -39.04 19.24 -7.06
C GLU C 6 -40.43 19.87 -7.12
N SER C 7 -40.88 20.16 -8.35
CA SER C 7 -42.21 20.70 -8.56
C SER C 7 -42.78 20.14 -9.85
N GLY C 8 -44.10 20.26 -9.99
CA GLY C 8 -44.76 20.00 -11.26
C GLY C 8 -45.54 18.70 -11.34
N GLY C 9 -45.37 17.79 -10.40
CA GLY C 9 -46.16 16.57 -10.39
C GLY C 9 -47.65 16.88 -10.29
N SER C 10 -48.47 16.01 -10.89
CA SER C 10 -49.90 16.23 -11.01
C SER C 10 -50.57 14.94 -11.45
N VAL C 11 -51.89 14.89 -11.24
CA VAL C 11 -52.73 13.84 -11.81
C VAL C 11 -52.93 14.15 -13.29
N VAL C 12 -52.52 13.24 -14.17
CA VAL C 12 -52.58 13.47 -15.60
C VAL C 12 -53.11 12.23 -16.31
N GLN C 13 -53.78 12.46 -17.46
CA GLN C 13 -54.31 11.38 -18.28
C GLN C 13 -53.18 10.68 -19.02
N PRO C 14 -53.31 9.38 -19.28
CA PRO C 14 -52.28 8.69 -20.06
C PRO C 14 -52.22 9.25 -21.48
N GLY C 15 -50.99 9.41 -21.99
CA GLY C 15 -50.79 9.96 -23.30
C GLY C 15 -50.50 11.45 -23.33
N ARG C 16 -50.82 12.18 -22.25
CA ARG C 16 -50.50 13.60 -22.18
C ARG C 16 -49.01 13.77 -21.92
N ALA C 17 -48.54 15.02 -21.91
CA ALA C 17 -47.16 15.31 -21.57
C ALA C 17 -47.11 16.15 -20.29
N LEU C 18 -45.97 16.10 -19.61
CA LEU C 18 -45.78 16.79 -18.34
C LEU C 18 -44.31 17.14 -18.15
N ARG C 19 -44.02 18.38 -17.75
CA ARG C 19 -42.65 18.80 -17.49
C ARG C 19 -42.46 19.07 -16.00
N LEU C 20 -41.53 18.34 -15.38
CA LEU C 20 -41.18 18.49 -13.98
C LEU C 20 -40.03 19.48 -13.81
N SER C 21 -40.06 20.23 -12.71
CA SER C 21 -39.00 21.16 -12.34
C SER C 21 -38.28 20.70 -11.07
N CYS C 22 -37.07 21.22 -10.88
CA CYS C 22 -36.25 20.91 -9.71
C CYS C 22 -35.33 22.09 -9.46
N ALA C 23 -35.61 22.87 -8.42
CA ALA C 23 -34.97 24.16 -8.19
C ALA C 23 -34.02 24.11 -7.00
N ALA C 24 -32.77 24.55 -7.21
CA ALA C 24 -31.71 24.44 -6.23
C ALA C 24 -31.41 25.81 -5.59
N SER C 25 -31.24 25.80 -4.27
CA SER C 25 -30.95 27.01 -3.51
C SER C 25 -29.48 27.36 -3.62
N GLY C 26 -29.18 28.66 -3.47
CA GLY C 26 -27.80 29.07 -3.59
C GLY C 26 -27.30 28.95 -5.03
N ILE C 27 -25.97 29.03 -5.16
CA ILE C 27 -25.31 29.12 -6.46
C ILE C 27 -24.58 27.86 -6.85
N THR C 28 -24.59 26.84 -5.99
CA THR C 28 -23.81 25.63 -6.18
C THR C 28 -24.26 24.82 -7.41
N PHE C 29 -25.41 25.15 -8.00
CA PHE C 29 -26.05 24.29 -9.01
C PHE C 29 -25.20 24.15 -10.27
N SER C 30 -24.53 25.24 -10.69
CA SER C 30 -23.79 25.23 -11.95
C SER C 30 -22.62 24.26 -11.94
N SER C 31 -22.13 23.87 -10.76
CA SER C 31 -20.95 23.03 -10.69
C SER C 31 -21.26 21.54 -10.76
N PHE C 32 -22.52 21.13 -10.58
CA PHE C 32 -22.84 19.74 -10.35
C PHE C 32 -23.70 19.12 -11.46
N GLY C 33 -23.30 17.93 -11.89
CA GLY C 33 -24.19 17.08 -12.67
C GLY C 33 -25.36 16.63 -11.81
N MET C 34 -26.56 16.71 -12.37
CA MET C 34 -27.80 16.39 -11.71
C MET C 34 -28.38 15.09 -12.27
N TYR C 35 -29.22 14.45 -11.47
CA TYR C 35 -29.85 13.18 -11.86
C TYR C 35 -31.35 13.24 -11.61
N TRP C 36 -32.08 12.34 -12.28
CA TRP C 36 -33.49 12.07 -11.98
C TRP C 36 -33.63 10.60 -11.56
N VAL C 37 -34.36 10.37 -10.47
CA VAL C 37 -34.69 9.03 -9.99
C VAL C 37 -36.18 9.02 -9.65
N ARG C 38 -36.86 7.90 -9.92
CA ARG C 38 -38.28 7.76 -9.63
C ARG C 38 -38.52 6.53 -8.77
N GLN C 39 -39.66 6.52 -8.07
CA GLN C 39 -40.00 5.42 -7.17
C GLN C 39 -41.51 5.22 -7.16
N ALA C 40 -41.97 4.15 -7.81
CA ALA C 40 -43.39 3.82 -7.82
C ALA C 40 -43.84 3.43 -6.41
N PRO C 41 -45.09 3.75 -6.03
CA PRO C 41 -45.54 3.49 -4.66
C PRO C 41 -45.28 2.06 -4.20
N GLY C 42 -44.51 1.89 -3.11
CA GLY C 42 -44.17 0.58 -2.59
C GLY C 42 -43.15 -0.20 -3.39
N LYS C 43 -42.61 0.36 -4.46
CA LYS C 43 -41.62 -0.26 -5.33
C LYS C 43 -40.25 0.38 -5.06
N GLY C 44 -39.22 -0.14 -5.78
CA GLY C 44 -37.85 0.31 -5.55
C GLY C 44 -37.45 1.53 -6.42
N LEU C 45 -36.26 2.04 -6.14
CA LEU C 45 -35.74 3.17 -6.90
C LEU C 45 -35.46 2.78 -8.35
N GLU C 46 -35.76 3.68 -9.27
CA GLU C 46 -35.38 3.48 -10.67
C GLU C 46 -34.54 4.67 -11.12
N TRP C 47 -33.29 4.39 -11.48
CA TRP C 47 -32.42 5.40 -12.07
C TRP C 47 -32.96 5.75 -13.44
N LEU C 48 -33.20 7.05 -13.67
CA LEU C 48 -33.76 7.52 -14.92
C LEU C 48 -32.70 8.11 -15.84
N GLY C 49 -31.89 9.04 -15.35
CA GLY C 49 -30.91 9.65 -16.23
C GLY C 49 -30.13 10.75 -15.54
N TYR C 50 -29.36 11.49 -16.37
CA TYR C 50 -28.36 12.43 -15.88
C TYR C 50 -28.11 13.48 -16.95
N ILE C 51 -27.88 14.71 -16.52
CA ILE C 51 -27.28 15.72 -17.40
C ILE C 51 -26.04 16.26 -16.69
N ALA C 52 -24.97 16.45 -17.46
CA ALA C 52 -23.73 16.99 -16.93
C ALA C 52 -23.91 18.43 -16.47
N TYR C 53 -22.92 18.90 -15.69
CA TYR C 53 -23.00 20.24 -15.09
C TYR C 53 -23.04 21.34 -16.16
N ASP C 54 -22.33 21.15 -17.27
CA ASP C 54 -22.27 22.12 -18.35
C ASP C 54 -23.17 21.75 -19.53
N GLY C 55 -23.97 20.69 -19.39
CA GLY C 55 -24.80 20.19 -20.47
C GLY C 55 -24.06 19.37 -21.49
N SER C 56 -22.76 19.08 -21.26
CA SER C 56 -21.96 18.39 -22.27
C SER C 56 -22.55 17.03 -22.63
N ASP C 57 -23.16 16.34 -21.70
CA ASP C 57 -23.74 15.03 -21.98
C ASP C 57 -25.03 14.83 -21.20
N THR C 58 -25.86 13.94 -21.72
CA THR C 58 -27.12 13.52 -21.09
C THR C 58 -27.27 12.02 -21.27
N TYR C 59 -27.51 11.30 -20.18
CA TYR C 59 -27.70 9.87 -20.26
C TYR C 59 -29.05 9.47 -19.69
N TYR C 60 -29.49 8.28 -20.08
CA TYR C 60 -30.88 7.86 -19.94
C TYR C 60 -30.93 6.36 -19.73
N ALA C 61 -31.72 5.91 -18.75
CA ALA C 61 -32.04 4.50 -18.66
C ALA C 61 -32.80 4.05 -19.91
N ASP C 62 -32.62 2.77 -20.28
CA ASP C 62 -33.30 2.24 -21.46
C ASP C 62 -34.82 2.33 -21.33
N SER C 63 -35.35 2.19 -20.12
CA SER C 63 -36.79 2.20 -19.94
C SER C 63 -37.40 3.54 -20.33
N VAL C 64 -36.61 4.61 -20.39
CA VAL C 64 -37.19 5.92 -20.71
C VAL C 64 -36.43 6.65 -21.81
N LYS C 65 -35.32 6.08 -22.28
CA LYS C 65 -34.58 6.69 -23.38
C LYS C 65 -35.46 6.85 -24.62
N GLY C 66 -35.55 8.09 -25.12
CA GLY C 66 -36.37 8.40 -26.26
C GLY C 66 -37.75 8.91 -25.93
N ARG C 67 -38.22 8.69 -24.70
CA ARG C 67 -39.52 9.19 -24.26
C ARG C 67 -39.42 10.32 -23.25
N PHE C 68 -38.39 10.35 -22.40
CA PHE C 68 -38.15 11.43 -21.46
C PHE C 68 -36.95 12.25 -21.91
N THR C 69 -37.00 13.55 -21.65
CA THR C 69 -35.91 14.47 -21.98
C THR C 69 -35.48 15.22 -20.74
N ILE C 70 -34.18 15.17 -20.44
CA ILE C 70 -33.59 15.89 -19.31
C ILE C 70 -32.85 17.11 -19.83
N SER C 71 -33.06 18.25 -19.17
CA SER C 71 -32.36 19.47 -19.55
C SER C 71 -32.21 20.34 -18.31
N ARG C 72 -31.45 21.44 -18.45
CA ARG C 72 -31.15 22.30 -17.32
C ARG C 72 -30.91 23.73 -17.80
N ASP C 73 -31.18 24.67 -16.90
CA ASP C 73 -30.95 26.09 -17.15
C ASP C 73 -30.11 26.61 -15.99
N ASN C 74 -28.79 26.61 -16.18
CA ASN C 74 -27.88 27.07 -15.13
C ASN C 74 -28.12 28.52 -14.74
N SER C 75 -28.66 29.32 -15.65
CA SER C 75 -29.06 30.68 -15.29
C SER C 75 -30.11 30.66 -14.17
N LYS C 76 -31.11 29.78 -14.28
CA LYS C 76 -32.22 29.73 -13.34
C LYS C 76 -32.02 28.71 -12.23
N ASN C 77 -30.87 28.04 -12.16
CA ASN C 77 -30.56 27.07 -11.11
C ASN C 77 -31.62 25.97 -11.03
N THR C 78 -32.01 25.46 -12.19
CA THR C 78 -33.18 24.59 -12.24
C THR C 78 -32.97 23.49 -13.26
N LEU C 79 -33.37 22.28 -12.88
CA LEU C 79 -33.26 21.08 -13.69
C LEU C 79 -34.66 20.62 -14.09
N TYR C 80 -34.76 20.00 -15.26
CA TYR C 80 -36.05 19.72 -15.88
C TYR C 80 -36.16 18.27 -16.33
N LEU C 81 -37.32 17.67 -16.12
CA LEU C 81 -37.67 16.39 -16.71
C LEU C 81 -38.90 16.59 -17.58
N GLN C 82 -38.72 16.48 -18.90
CA GLN C 82 -39.81 16.54 -19.87
C GLN C 82 -40.29 15.11 -20.10
N MET C 83 -41.53 14.83 -19.68
CA MET C 83 -42.13 13.50 -19.80
C MET C 83 -43.14 13.53 -20.94
N ASN C 84 -42.98 12.63 -21.90
CA ASN C 84 -43.88 12.54 -23.04
C ASN C 84 -44.61 11.20 -23.02
N SER C 85 -45.78 11.17 -23.67
CA SER C 85 -46.61 9.98 -23.85
C SER C 85 -46.67 9.15 -22.56
N LEU C 86 -47.21 9.78 -21.52
CA LEU C 86 -47.28 9.21 -20.18
C LEU C 86 -48.06 7.90 -20.18
N ARG C 87 -47.57 6.92 -19.42
CA ARG C 87 -48.18 5.61 -19.23
C ARG C 87 -48.65 5.46 -17.80
N ILE C 88 -49.47 4.41 -17.59
CA ILE C 88 -49.80 3.99 -16.23
C ILE C 88 -48.54 3.67 -15.44
N GLU C 89 -47.55 3.04 -16.10
CA GLU C 89 -46.28 2.69 -15.43
C GLU C 89 -45.55 3.90 -14.87
N ASP C 90 -45.87 5.12 -15.32
CA ASP C 90 -45.15 6.31 -14.89
C ASP C 90 -45.63 6.85 -13.54
N THR C 91 -46.71 6.34 -12.99
CA THR C 91 -47.15 6.78 -11.68
C THR C 91 -46.05 6.51 -10.66
N ALA C 92 -45.56 7.56 -9.99
CA ALA C 92 -44.44 7.43 -9.04
C ALA C 92 -44.09 8.78 -8.42
N VAL C 93 -43.16 8.73 -7.45
CA VAL C 93 -42.48 9.89 -6.91
C VAL C 93 -41.22 10.14 -7.74
N TYR C 94 -40.98 11.40 -8.08
CA TYR C 94 -39.87 11.79 -8.96
C TYR C 94 -38.88 12.65 -8.21
N TYR C 95 -37.65 12.16 -8.12
CA TYR C 95 -36.59 12.76 -7.32
C TYR C 95 -35.53 13.36 -8.23
N CYS C 96 -35.04 14.55 -7.88
CA CYS C 96 -33.80 15.05 -8.42
C CYS C 96 -32.70 14.97 -7.36
N ALA C 97 -31.49 14.63 -7.80
CA ALA C 97 -30.38 14.47 -6.88
C ALA C 97 -29.10 14.98 -7.55
N LYS C 98 -28.21 15.51 -6.69
CA LYS C 98 -26.93 16.11 -7.07
C LYS C 98 -25.80 15.12 -6.87
N ASP C 99 -24.87 15.09 -7.84
CA ASP C 99 -23.67 14.26 -7.72
C ASP C 99 -22.89 14.60 -6.45
N TYR C 100 -22.27 13.59 -5.87
CA TYR C 100 -21.44 13.80 -4.69
C TYR C 100 -20.35 14.84 -4.95
N TYR C 101 -19.74 14.81 -6.14
CA TYR C 101 -18.65 15.71 -6.48
C TYR C 101 -19.03 16.64 -7.63
N PRO C 102 -18.44 17.83 -7.70
CA PRO C 102 -18.71 18.73 -8.81
C PRO C 102 -18.01 18.29 -10.10
N LEU C 103 -18.38 18.96 -11.19
CA LEU C 103 -17.80 18.76 -12.52
C LEU C 103 -18.08 17.36 -13.05
N LEU C 104 -17.25 16.85 -13.95
CA LEU C 104 -17.40 15.46 -14.38
C LEU C 104 -16.99 14.56 -13.22
N SER C 105 -17.96 13.84 -12.66
CA SER C 105 -17.73 13.06 -11.45
C SER C 105 -18.18 11.62 -11.67
N TYR C 106 -19.45 11.34 -11.37
CA TYR C 106 -20.21 10.22 -11.92
C TYR C 106 -20.00 8.85 -11.28
N TYR C 107 -18.79 8.52 -10.85
CA TYR C 107 -18.52 7.16 -10.39
C TYR C 107 -18.77 6.94 -8.91
N TYR C 108 -19.37 7.90 -8.18
CA TYR C 108 -19.43 7.80 -6.73
C TYR C 108 -20.87 7.70 -6.22
N GLY C 109 -21.64 8.79 -6.19
CA GLY C 109 -22.99 8.65 -5.71
C GLY C 109 -23.76 9.97 -5.78
N LEU C 110 -25.04 9.87 -5.39
CA LEU C 110 -25.98 10.98 -5.35
C LEU C 110 -26.20 11.33 -3.88
N ASP C 111 -25.70 12.49 -3.45
CA ASP C 111 -25.58 12.72 -2.01
C ASP C 111 -26.64 13.65 -1.44
N VAL C 112 -27.18 14.56 -2.26
CA VAL C 112 -28.28 15.43 -1.86
C VAL C 112 -29.45 15.18 -2.80
N TRP C 113 -30.61 14.90 -2.22
CA TRP C 113 -31.85 14.69 -2.96
C TRP C 113 -32.88 15.74 -2.55
N GLY C 114 -33.87 15.95 -3.42
CA GLY C 114 -35.03 16.73 -3.06
C GLY C 114 -36.06 15.89 -2.32
N GLN C 115 -37.20 16.51 -2.01
CA GLN C 115 -38.26 15.81 -1.27
C GLN C 115 -39.17 14.99 -2.19
N GLY C 116 -39.15 15.27 -3.49
CA GLY C 116 -39.91 14.51 -4.45
C GLY C 116 -41.17 15.24 -4.91
N THR C 117 -41.65 14.83 -6.08
CA THR C 117 -42.92 15.32 -6.61
C THR C 117 -43.65 14.12 -7.20
N THR C 118 -44.97 14.04 -6.97
CA THR C 118 -45.75 12.86 -7.29
C THR C 118 -46.47 13.01 -8.63
N VAL C 119 -46.37 11.98 -9.46
CA VAL C 119 -47.04 11.94 -10.75
C VAL C 119 -47.97 10.73 -10.74
N THR C 120 -49.25 10.95 -11.02
CA THR C 120 -50.24 9.88 -10.99
C THR C 120 -50.98 9.90 -12.31
N VAL C 121 -50.99 8.77 -13.00
CA VAL C 121 -51.47 8.69 -14.39
C VAL C 121 -52.65 7.74 -14.45
N PHE C 122 -53.85 8.29 -14.67
CA PHE C 122 -55.04 7.48 -14.89
C PHE C 122 -56.00 8.26 -15.78
N ASN C 123 -56.91 7.53 -16.46
CA ASN C 123 -57.69 8.11 -17.55
C ASN C 123 -58.73 9.11 -17.05
N GLN C 124 -59.53 8.72 -16.06
CA GLN C 124 -60.66 9.54 -15.61
C GLN C 124 -60.95 9.23 -14.15
N ILE C 125 -61.86 10.00 -13.56
CA ILE C 125 -62.28 9.78 -12.18
C ILE C 125 -63.27 8.62 -12.16
N LYS C 126 -63.04 7.65 -11.27
CA LYS C 126 -64.00 6.56 -11.08
C LYS C 126 -64.43 6.43 -9.64
N PRO C 127 -65.72 6.60 -9.32
CA PRO C 127 -66.22 6.27 -7.95
C PRO C 127 -66.21 4.77 -7.72
N PRO C 128 -66.17 4.32 -6.48
CA PRO C 128 -66.08 2.88 -6.23
C PRO C 128 -67.41 2.15 -6.40
N SER C 129 -67.29 0.84 -6.53
CA SER C 129 -68.39 -0.05 -6.21
C SER C 129 -68.20 -0.56 -4.78
N VAL C 130 -69.27 -0.51 -3.99
CA VAL C 130 -69.25 -1.03 -2.62
C VAL C 130 -70.03 -2.33 -2.58
N PHE C 131 -69.40 -3.37 -2.04
CA PHE C 131 -70.01 -4.66 -1.83
C PHE C 131 -69.91 -5.06 -0.36
N PRO C 132 -70.94 -5.71 0.18
CA PRO C 132 -70.88 -6.12 1.59
C PRO C 132 -70.13 -7.44 1.72
N LEU C 133 -69.27 -7.52 2.72
CA LEU C 133 -68.59 -8.76 3.07
C LEU C 133 -69.34 -9.35 4.27
N ALA C 134 -70.07 -10.45 4.03
CA ALA C 134 -71.00 -10.95 5.06
C ALA C 134 -70.27 -11.81 6.09
N PRO C 135 -70.67 -11.73 7.35
CA PRO C 135 -70.12 -12.63 8.37
C PRO C 135 -70.65 -14.05 8.25
N SER C 136 -69.84 -14.99 8.72
CA SER C 136 -70.25 -16.37 8.95
C SER C 136 -69.88 -16.72 10.38
N SER C 137 -70.89 -16.98 11.21
CA SER C 137 -70.68 -17.22 12.64
C SER C 137 -69.90 -18.51 12.91
N GLY C 142 -65.48 -18.67 21.32
CA GLY C 142 -64.89 -17.39 20.98
C GLY C 142 -65.92 -16.30 20.71
N GLY C 143 -67.07 -16.71 20.18
CA GLY C 143 -68.20 -15.80 20.00
C GLY C 143 -67.87 -14.51 19.27
N THR C 144 -66.97 -14.56 18.29
CA THR C 144 -66.56 -13.39 17.54
C THR C 144 -66.79 -13.65 16.06
N ALA C 145 -67.20 -12.60 15.35
CA ALA C 145 -67.49 -12.70 13.92
C ALA C 145 -67.00 -11.43 13.23
N ALA C 146 -66.47 -11.58 12.02
CA ALA C 146 -65.95 -10.46 11.24
C ALA C 146 -66.88 -10.22 10.06
N LEU C 147 -67.28 -8.95 9.88
CA LEU C 147 -68.04 -8.52 8.72
C LEU C 147 -67.43 -7.22 8.16
N GLY C 148 -67.68 -6.94 6.89
CA GLY C 148 -67.03 -5.76 6.34
C GLY C 148 -67.56 -5.34 4.98
N CYS C 149 -66.88 -4.35 4.41
CA CYS C 149 -67.27 -3.74 3.14
C CYS C 149 -66.07 -3.69 2.21
N LEU C 150 -66.27 -4.17 0.99
CA LEU C 150 -65.29 -4.05 -0.07
C LEU C 150 -65.57 -2.78 -0.85
N VAL C 151 -64.61 -1.86 -0.86
CA VAL C 151 -64.67 -0.67 -1.71
C VAL C 151 -63.78 -0.91 -2.92
N LYS C 152 -64.41 -1.20 -4.06
CA LYS C 152 -63.75 -1.73 -5.25
C LYS C 152 -63.61 -0.68 -6.35
N ASP C 153 -62.47 -0.72 -7.06
CA ASP C 153 -62.29 -0.05 -8.38
C ASP C 153 -62.64 1.45 -8.37
N TYR C 154 -61.80 2.23 -7.70
CA TYR C 154 -61.95 3.67 -7.69
C TYR C 154 -60.62 4.36 -8.00
N PHE C 155 -60.73 5.62 -8.44
CA PHE C 155 -59.62 6.53 -8.65
C PHE C 155 -60.15 7.94 -8.56
N PRO C 156 -59.45 8.88 -7.88
CA PRO C 156 -58.21 8.73 -7.13
C PRO C 156 -58.44 8.49 -5.65
N GLU C 157 -57.37 8.40 -4.87
CA GLU C 157 -57.53 8.38 -3.43
C GLU C 157 -57.89 9.77 -2.93
N PRO C 158 -58.56 9.86 -1.76
CA PRO C 158 -58.87 8.78 -0.80
C PRO C 158 -60.35 8.46 -0.61
N VAL C 159 -60.66 7.29 -0.04
CA VAL C 159 -61.98 7.02 0.51
C VAL C 159 -61.87 6.91 2.03
N THR C 160 -62.88 7.43 2.73
CA THR C 160 -63.03 7.28 4.16
C THR C 160 -64.23 6.38 4.42
N VAL C 161 -64.12 5.50 5.41
CA VAL C 161 -65.19 4.58 5.74
C VAL C 161 -65.55 4.75 7.21
N SER C 162 -66.81 5.07 7.48
CA SER C 162 -67.35 4.97 8.82
C SER C 162 -68.34 3.81 8.89
N TRP C 163 -68.70 3.42 10.11
CA TRP C 163 -69.63 2.33 10.32
C TRP C 163 -70.79 2.83 11.18
N ASN C 164 -72.01 2.58 10.73
CA ASN C 164 -73.23 3.05 11.39
C ASN C 164 -73.15 4.55 11.68
N SER C 165 -72.71 5.30 10.65
CA SER C 165 -72.73 6.76 10.63
C SER C 165 -71.93 7.38 11.78
N GLY C 166 -70.98 6.63 12.32
CA GLY C 166 -70.13 7.09 13.42
C GLY C 166 -70.28 6.32 14.72
N ALA C 167 -71.41 5.65 14.96
CA ALA C 167 -71.67 5.06 16.27
C ALA C 167 -70.77 3.85 16.53
N LEU C 168 -70.47 3.07 15.50
CA LEU C 168 -69.59 1.93 15.62
C LEU C 168 -68.17 2.37 15.35
N THR C 169 -67.30 2.29 16.37
CA THR C 169 -65.89 2.65 16.25
C THR C 169 -64.98 1.49 16.64
N SER C 170 -65.14 0.95 17.86
CA SER C 170 -64.29 -0.12 18.34
C SER C 170 -64.50 -1.39 17.51
N GLY C 171 -63.40 -2.03 17.12
CA GLY C 171 -63.43 -3.21 16.31
C GLY C 171 -63.22 -3.00 14.83
N VAL C 172 -63.27 -1.74 14.35
CA VAL C 172 -63.17 -1.50 12.91
C VAL C 172 -61.69 -1.40 12.52
N HIS C 173 -61.39 -1.92 11.33
CA HIS C 173 -60.04 -1.95 10.79
C HIS C 173 -60.19 -1.60 9.31
N THR C 174 -59.86 -0.36 8.95
CA THR C 174 -59.92 0.04 7.55
C THR C 174 -58.50 -0.09 6.97
N PHE C 175 -58.32 -1.08 6.11
CA PHE C 175 -57.01 -1.38 5.56
C PHE C 175 -56.58 -0.33 4.54
N PRO C 176 -55.29 -0.05 4.47
CA PRO C 176 -54.76 0.73 3.33
C PRO C 176 -55.21 0.17 2.00
N ALA C 177 -55.27 1.00 0.97
CA ALA C 177 -55.77 0.54 -0.31
C ALA C 177 -54.65 -0.12 -1.10
N VAL C 178 -55.02 -1.11 -1.91
CA VAL C 178 -54.10 -1.63 -2.92
C VAL C 178 -54.14 -0.73 -4.14
N LEU C 179 -52.98 -0.58 -4.80
CA LEU C 179 -52.90 0.01 -6.13
C LEU C 179 -52.84 -1.11 -7.14
N GLN C 180 -53.87 -1.22 -7.98
CA GLN C 180 -53.98 -2.29 -8.97
C GLN C 180 -53.12 -1.99 -10.19
N SER C 181 -52.88 -3.03 -11.01
CA SER C 181 -52.08 -2.83 -12.23
C SER C 181 -52.72 -1.81 -13.17
N SER C 182 -54.05 -1.67 -13.13
CA SER C 182 -54.75 -0.74 -13.99
C SER C 182 -54.54 0.72 -13.59
N GLY C 183 -54.17 1.00 -12.35
CA GLY C 183 -54.23 2.32 -11.80
C GLY C 183 -55.39 2.58 -10.87
N LEU C 184 -56.34 1.66 -10.76
CA LEU C 184 -57.44 1.88 -9.83
C LEU C 184 -57.07 1.40 -8.43
N TYR C 185 -57.81 1.90 -7.44
CA TYR C 185 -57.63 1.49 -6.05
C TYR C 185 -58.80 0.63 -5.59
N SER C 186 -58.53 -0.21 -4.59
CA SER C 186 -59.56 -0.89 -3.83
C SER C 186 -59.11 -0.98 -2.38
N LEU C 187 -60.06 -0.97 -1.46
CA LEU C 187 -59.73 -1.23 -0.07
C LEU C 187 -60.88 -1.99 0.58
N SER C 188 -60.69 -2.32 1.86
CA SER C 188 -61.71 -2.98 2.65
C SER C 188 -61.68 -2.41 4.05
N SER C 189 -62.86 -2.34 4.67
CA SER C 189 -62.98 -2.02 6.09
C SER C 189 -63.71 -3.18 6.75
N VAL C 190 -63.08 -3.78 7.75
CA VAL C 190 -63.69 -4.87 8.50
C VAL C 190 -64.00 -4.39 9.91
N VAL C 191 -64.99 -5.03 10.53
CA VAL C 191 -65.35 -4.74 11.92
C VAL C 191 -65.62 -6.06 12.61
N THR C 192 -64.92 -6.28 13.72
CA THR C 192 -65.10 -7.46 14.56
C THR C 192 -66.20 -7.18 15.56
N VAL C 193 -67.11 -8.15 15.71
CA VAL C 193 -68.41 -7.91 16.34
C VAL C 193 -68.77 -9.13 17.16
N PRO C 194 -69.45 -8.92 18.30
CA PRO C 194 -69.98 -10.08 19.05
C PRO C 194 -70.90 -10.92 18.17
N SER C 195 -70.73 -12.24 18.25
CA SER C 195 -71.50 -13.14 17.40
C SER C 195 -72.99 -13.14 17.76
N SER C 196 -73.34 -12.92 19.02
CA SER C 196 -74.73 -13.01 19.43
C SER C 196 -75.56 -11.82 18.95
N SER C 197 -74.94 -10.71 18.54
CA SER C 197 -75.67 -9.52 18.15
C SER C 197 -75.99 -9.46 16.66
N LEU C 198 -75.79 -10.55 15.91
CA LEU C 198 -76.13 -10.57 14.50
C LEU C 198 -77.64 -10.65 14.33
N GLY C 199 -78.17 -9.92 13.36
CA GLY C 199 -79.60 -9.95 13.12
C GLY C 199 -80.47 -9.23 14.12
N THR C 200 -79.89 -8.68 15.19
CA THR C 200 -80.56 -7.72 16.06
C THR C 200 -80.01 -6.31 15.91
N GLN C 201 -78.70 -6.16 15.74
CA GLN C 201 -78.09 -4.87 15.42
C GLN C 201 -77.77 -4.84 13.92
N THR C 202 -78.21 -3.79 13.24
CA THR C 202 -77.97 -3.65 11.82
C THR C 202 -76.64 -2.95 11.57
N TYR C 203 -75.87 -3.48 10.61
CA TYR C 203 -74.51 -3.02 10.38
C TYR C 203 -74.43 -2.38 8.99
N ILE C 204 -74.18 -1.07 8.96
CA ILE C 204 -74.14 -0.27 7.74
C ILE C 204 -72.80 0.43 7.67
N CYS C 205 -72.13 0.31 6.52
CA CYS C 205 -70.88 1.00 6.29
C CYS C 205 -71.13 2.20 5.39
N ASN C 206 -70.45 3.31 5.70
CA ASN C 206 -70.64 4.58 4.99
C ASN C 206 -69.34 4.88 4.26
N VAL C 207 -69.37 4.76 2.93
CA VAL C 207 -68.20 4.93 2.08
C VAL C 207 -68.27 6.31 1.43
N ASN C 208 -67.20 7.09 1.56
CA ASN C 208 -67.20 8.47 1.09
C ASN C 208 -65.96 8.68 0.23
N HIS C 209 -66.19 8.88 -1.07
CA HIS C 209 -65.15 9.19 -2.04
C HIS C 209 -65.33 10.67 -2.42
N LYS C 210 -64.72 11.56 -1.63
CA LYS C 210 -64.80 12.99 -1.93
C LYS C 210 -64.32 13.40 -3.34
N PRO C 211 -63.34 12.72 -3.98
CA PRO C 211 -62.95 13.14 -5.34
C PRO C 211 -64.05 12.98 -6.39
N SER C 212 -65.06 12.15 -6.15
CA SER C 212 -66.21 12.13 -7.06
C SER C 212 -67.47 12.67 -6.41
N ASN C 213 -67.37 13.18 -5.17
CA ASN C 213 -68.55 13.65 -4.44
C ASN C 213 -69.62 12.57 -4.34
N THR C 214 -69.21 11.37 -3.98
CA THR C 214 -70.16 10.28 -3.87
C THR C 214 -70.06 9.65 -2.48
N LYS C 215 -71.17 9.65 -1.75
CA LYS C 215 -71.30 8.85 -0.54
C LYS C 215 -72.19 7.65 -0.86
N VAL C 216 -71.75 6.46 -0.44
CA VAL C 216 -72.52 5.23 -0.58
C VAL C 216 -72.67 4.58 0.80
N ASP C 217 -73.89 4.09 1.10
CA ASP C 217 -74.15 3.25 2.27
C ASP C 217 -74.45 1.83 1.82
N LYS C 218 -73.98 0.86 2.60
CA LYS C 218 -74.27 -0.54 2.34
C LYS C 218 -74.55 -1.28 3.64
N LYS C 219 -75.77 -1.82 3.78
CA LYS C 219 -76.09 -2.70 4.90
C LYS C 219 -75.45 -4.06 4.68
N VAL C 220 -74.94 -4.66 5.76
CA VAL C 220 -74.26 -5.95 5.70
C VAL C 220 -75.09 -6.93 6.54
N GLU C 221 -75.59 -7.97 5.89
CA GLU C 221 -76.44 -8.91 6.60
C GLU C 221 -75.87 -10.32 6.52
N PRO C 222 -76.14 -11.16 7.51
CA PRO C 222 -75.62 -12.54 7.45
C PRO C 222 -76.17 -13.27 6.24
N LYS C 223 -75.31 -14.07 5.59
CA LYS C 223 -75.71 -14.80 4.40
C LYS C 223 -75.87 -16.28 4.71
N SER D 2 -30.61 -5.28 -16.23
CA SER D 2 -31.56 -5.82 -15.25
C SER D 2 -31.34 -5.34 -13.81
N VAL D 3 -32.42 -5.34 -13.03
CA VAL D 3 -32.38 -5.02 -11.60
C VAL D 3 -31.30 -5.84 -10.90
N LEU D 4 -30.71 -5.28 -9.85
CA LEU D 4 -29.84 -6.07 -8.99
C LEU D 4 -30.70 -6.75 -7.93
N THR D 5 -30.44 -8.02 -7.66
CA THR D 5 -31.27 -8.82 -6.77
C THR D 5 -30.80 -8.69 -5.32
N GLN D 6 -31.68 -8.18 -4.47
CA GLN D 6 -31.50 -8.11 -3.04
C GLN D 6 -32.57 -8.95 -2.35
N PRO D 7 -32.26 -9.55 -1.20
CA PRO D 7 -33.31 -10.20 -0.41
C PRO D 7 -34.40 -9.20 -0.08
N ARG D 8 -35.65 -9.66 -0.13
CA ARG D 8 -36.79 -8.78 0.07
C ARG D 8 -36.82 -8.19 1.48
N SER D 9 -36.58 -9.02 2.51
CA SER D 9 -36.51 -8.51 3.87
C SER D 9 -35.40 -9.23 4.64
N VAL D 10 -34.93 -8.57 5.70
CA VAL D 10 -33.93 -9.15 6.58
C VAL D 10 -34.03 -8.42 7.91
N SER D 11 -33.60 -9.09 8.98
CA SER D 11 -33.81 -8.54 10.31
C SER D 11 -32.65 -8.95 11.21
N GLY D 12 -32.40 -8.11 12.21
CA GLY D 12 -31.41 -8.39 13.23
C GLY D 12 -31.77 -7.63 14.48
N SER D 13 -31.27 -8.11 15.63
CA SER D 13 -31.57 -7.49 16.91
C SER D 13 -30.54 -6.42 17.24
N PRO D 14 -30.88 -5.46 18.13
CA PRO D 14 -29.96 -4.36 18.41
C PRO D 14 -28.63 -4.87 18.93
N GLY D 15 -27.54 -4.29 18.39
CA GLY D 15 -26.20 -4.67 18.77
C GLY D 15 -25.61 -5.82 17.98
N GLN D 16 -26.39 -6.45 17.11
CA GLN D 16 -25.94 -7.56 16.28
C GLN D 16 -25.57 -7.07 14.89
N SER D 17 -25.03 -7.98 14.08
CA SER D 17 -24.67 -7.70 12.71
C SER D 17 -25.66 -8.34 11.74
N VAL D 18 -25.89 -7.66 10.64
CA VAL D 18 -26.69 -8.20 9.56
C VAL D 18 -26.06 -7.76 8.24
N THR D 19 -26.14 -8.62 7.23
CA THR D 19 -25.57 -8.31 5.93
C THR D 19 -26.63 -8.46 4.85
N ILE D 20 -26.75 -7.43 4.03
CA ILE D 20 -27.66 -7.39 2.90
C ILE D 20 -26.87 -7.69 1.64
N SER D 21 -27.29 -8.70 0.88
CA SER D 21 -26.61 -9.07 -0.34
C SER D 21 -27.19 -8.32 -1.54
N CYS D 22 -26.46 -8.35 -2.65
CA CYS D 22 -26.82 -7.56 -3.84
C CYS D 22 -26.14 -8.19 -5.05
N THR D 23 -26.85 -9.09 -5.73
CA THR D 23 -26.26 -9.89 -6.80
C THR D 23 -26.71 -9.36 -8.15
N GLY D 24 -25.73 -9.06 -9.01
CA GLY D 24 -25.98 -8.63 -10.37
C GLY D 24 -25.36 -9.57 -11.39
N THR D 25 -24.61 -9.01 -12.35
CA THR D 25 -24.09 -9.78 -13.47
C THR D 25 -22.66 -9.37 -13.74
N SER D 26 -22.06 -10.02 -14.74
CA SER D 26 -20.69 -9.72 -15.13
C SER D 26 -20.55 -8.31 -15.68
N SER D 27 -21.61 -7.76 -16.26
CA SER D 27 -21.57 -6.44 -16.87
C SER D 27 -21.99 -5.32 -15.90
N ASP D 28 -22.22 -5.63 -14.63
CA ASP D 28 -22.38 -4.56 -13.66
C ASP D 28 -21.48 -4.78 -12.44
N VAL D 29 -22.04 -5.41 -11.40
CA VAL D 29 -21.35 -5.55 -10.11
C VAL D 29 -20.05 -6.33 -10.25
N GLY D 30 -20.05 -7.40 -11.06
CA GLY D 30 -18.84 -8.14 -11.30
C GLY D 30 -17.84 -7.46 -12.20
N ALA D 31 -18.24 -6.38 -12.88
CA ALA D 31 -17.33 -5.67 -13.78
C ALA D 31 -16.65 -4.49 -13.10
N TYR D 32 -17.33 -3.79 -12.20
CA TYR D 32 -16.87 -2.51 -11.70
C TYR D 32 -16.84 -2.48 -10.19
N ASN D 33 -15.97 -1.64 -9.65
CA ASN D 33 -15.99 -1.35 -8.22
C ASN D 33 -16.82 -0.12 -7.90
N TYR D 34 -17.51 0.47 -8.89
CA TYR D 34 -18.46 1.57 -8.63
C TYR D 34 -19.80 0.99 -8.18
N VAL D 35 -19.78 0.40 -6.98
CA VAL D 35 -20.97 -0.12 -6.33
C VAL D 35 -21.27 0.78 -5.12
N SER D 36 -22.50 1.30 -5.06
CA SER D 36 -22.89 2.21 -3.99
C SER D 36 -24.13 1.69 -3.25
N TRP D 37 -24.37 2.23 -2.04
CA TRP D 37 -25.50 1.84 -1.20
C TRP D 37 -26.27 3.06 -0.70
N TYR D 38 -27.60 2.94 -0.65
CA TYR D 38 -28.47 4.00 -0.15
C TYR D 38 -29.39 3.48 0.96
N GLN D 39 -29.69 4.37 1.91
CA GLN D 39 -30.60 4.10 3.02
C GLN D 39 -31.81 5.02 2.87
N GLN D 40 -33.02 4.47 3.00
CA GLN D 40 -34.24 5.27 2.88
C GLN D 40 -35.20 4.96 4.02
N HIS D 41 -35.55 6.00 4.80
CA HIS D 41 -36.54 5.89 5.87
C HIS D 41 -37.94 6.21 5.33
N PRO D 42 -39.01 5.75 6.01
CA PRO D 42 -40.38 6.07 5.59
C PRO D 42 -40.62 7.52 5.20
N GLY D 43 -41.10 7.72 3.96
CA GLY D 43 -41.44 9.05 3.47
C GLY D 43 -40.27 9.99 3.25
N LYS D 44 -39.04 9.52 3.35
CA LYS D 44 -37.88 10.38 3.19
C LYS D 44 -37.15 10.03 1.88
N ALA D 45 -36.34 10.99 1.43
CA ALA D 45 -35.43 10.73 0.32
C ALA D 45 -34.35 9.74 0.75
N PRO D 46 -33.76 9.02 -0.21
CA PRO D 46 -32.65 8.13 0.16
C PRO D 46 -31.44 8.92 0.64
N LYS D 47 -30.64 8.26 1.47
CA LYS D 47 -29.41 8.81 1.99
C LYS D 47 -28.22 8.01 1.46
N PHE D 48 -27.15 8.70 1.12
CA PHE D 48 -25.98 8.12 0.46
C PHE D 48 -25.04 7.57 1.56
N MET D 49 -24.72 6.27 1.48
CA MET D 49 -24.11 5.55 2.61
C MET D 49 -22.77 4.90 2.28
N ILE D 50 -22.64 4.31 1.09
CA ILE D 50 -21.40 3.67 0.67
C ILE D 50 -21.16 4.00 -0.80
N TYR D 51 -19.89 4.19 -1.17
CA TYR D 51 -19.47 4.18 -2.57
C TYR D 51 -18.13 3.46 -2.68
N ASP D 52 -17.73 3.16 -3.91
CA ASP D 52 -16.55 2.35 -4.18
C ASP D 52 -16.55 1.08 -3.33
N VAL D 53 -17.75 0.48 -3.20
CA VAL D 53 -17.96 -0.81 -2.54
C VAL D 53 -17.85 -0.69 -1.02
N ASP D 54 -16.87 0.11 -0.51
CA ASP D 54 -16.72 0.21 0.93
C ASP D 54 -16.26 1.56 1.47
N GLN D 55 -16.17 2.62 0.66
CA GLN D 55 -15.87 3.94 1.18
C GLN D 55 -17.14 4.61 1.68
N ARG D 56 -16.99 5.47 2.70
CA ARG D 56 -18.12 6.17 3.29
C ARG D 56 -18.01 7.67 3.04
N PRO D 57 -19.08 8.32 2.58
CA PRO D 57 -19.06 9.79 2.50
C PRO D 57 -19.11 10.43 3.88
N SER D 58 -19.14 11.76 3.91
CA SER D 58 -19.04 12.49 5.18
C SER D 58 -20.24 12.20 6.06
N GLY D 59 -19.97 11.86 7.33
CA GLY D 59 -21.01 11.70 8.32
C GLY D 59 -21.73 10.36 8.35
N VAL D 60 -21.07 9.29 7.92
CA VAL D 60 -21.68 7.96 7.91
C VAL D 60 -20.85 7.04 8.81
N PRO D 61 -21.45 6.42 9.84
CA PRO D 61 -20.65 5.74 10.86
C PRO D 61 -19.95 4.49 10.33
N ASP D 62 -18.75 4.25 10.86
CA ASP D 62 -17.95 3.09 10.48
C ASP D 62 -18.68 1.75 10.67
N ARG D 63 -19.78 1.72 11.43
CA ARG D 63 -20.52 0.47 11.55
C ARG D 63 -21.18 0.05 10.25
N PHE D 64 -21.24 0.95 9.26
CA PHE D 64 -21.63 0.63 7.89
C PHE D 64 -20.39 0.30 7.07
N SER D 65 -20.37 -0.88 6.45
CA SER D 65 -19.25 -1.27 5.61
C SER D 65 -19.77 -2.14 4.47
N GLY D 66 -18.93 -2.29 3.43
CA GLY D 66 -19.29 -3.07 2.27
C GLY D 66 -18.21 -4.05 1.87
N SER D 67 -18.57 -4.93 0.94
CA SER D 67 -17.63 -5.87 0.34
C SER D 67 -18.20 -6.35 -0.99
N LYS D 68 -17.34 -6.92 -1.81
CA LYS D 68 -17.74 -7.36 -3.15
C LYS D 68 -16.99 -8.65 -3.48
N SER D 69 -17.71 -9.58 -4.11
CA SER D 69 -17.17 -10.91 -4.39
C SER D 69 -17.91 -11.46 -5.59
N GLY D 70 -17.19 -11.67 -6.69
CA GLY D 70 -17.84 -12.02 -7.95
C GLY D 70 -18.92 -11.01 -8.29
N ASN D 71 -20.09 -11.52 -8.64
CA ASN D 71 -21.21 -10.68 -9.04
C ASN D 71 -22.07 -10.22 -7.86
N THR D 72 -21.64 -10.46 -6.62
CA THR D 72 -22.41 -10.09 -5.44
C THR D 72 -21.66 -9.03 -4.65
N ALA D 73 -22.35 -7.93 -4.34
CA ALA D 73 -21.88 -6.98 -3.35
C ALA D 73 -22.64 -7.20 -2.05
N SER D 74 -22.02 -6.81 -0.94
CA SER D 74 -22.64 -6.93 0.38
C SER D 74 -22.53 -5.62 1.14
N LEU D 75 -23.58 -5.33 1.91
CA LEU D 75 -23.59 -4.26 2.89
C LEU D 75 -23.70 -4.88 4.27
N ILE D 76 -22.81 -4.49 5.19
CA ILE D 76 -22.71 -5.08 6.52
C ILE D 76 -22.89 -3.98 7.55
N ILE D 77 -23.86 -4.12 8.44
CA ILE D 77 -24.11 -3.15 9.50
C ILE D 77 -23.86 -3.84 10.84
N SER D 78 -22.74 -3.50 11.49
CA SER D 78 -22.46 -4.06 12.81
C SER D 78 -23.02 -3.16 13.92
N GLY D 79 -23.17 -3.76 15.11
CA GLY D 79 -23.76 -3.08 16.27
C GLY D 79 -25.04 -2.33 15.95
N LEU D 80 -26.06 -3.07 15.48
CA LEU D 80 -27.29 -2.46 14.97
C LEU D 80 -27.90 -1.48 15.97
N GLN D 81 -28.25 -0.30 15.47
CA GLN D 81 -29.01 0.67 16.23
C GLN D 81 -30.42 0.76 15.65
N ALA D 82 -31.33 1.36 16.43
CA ALA D 82 -32.73 1.48 16.03
C ALA D 82 -32.90 2.38 14.81
N GLU D 83 -32.11 3.46 14.72
CA GLU D 83 -32.11 4.33 13.54
C GLU D 83 -31.84 3.57 12.27
N ASP D 84 -31.30 2.36 12.34
CA ASP D 84 -30.95 1.64 11.13
C ASP D 84 -32.14 0.92 10.50
N GLU D 85 -33.29 0.82 11.18
CA GLU D 85 -34.48 0.25 10.55
C GLU D 85 -34.92 1.10 9.37
N ALA D 86 -34.72 0.60 8.15
CA ALA D 86 -35.02 1.36 6.93
C ALA D 86 -34.93 0.41 5.72
N ASP D 87 -35.18 0.95 4.55
CA ASP D 87 -34.93 0.19 3.33
C ASP D 87 -33.54 0.53 2.80
N TYR D 88 -32.89 -0.48 2.24
CA TYR D 88 -31.53 -0.33 1.74
C TYR D 88 -31.50 -0.80 0.30
N TYR D 89 -30.98 0.07 -0.57
CA TYR D 89 -30.78 -0.21 -1.99
C TYR D 89 -29.29 -0.28 -2.30
N CYS D 90 -28.90 -1.26 -3.09
CA CYS D 90 -27.59 -1.16 -3.70
C CYS D 90 -27.71 -0.48 -5.06
N SER D 91 -26.56 -0.11 -5.61
CA SER D 91 -26.50 0.73 -6.80
C SER D 91 -25.21 0.38 -7.53
N SER D 92 -25.28 0.20 -8.84
CA SER D 92 -24.10 -0.24 -9.57
C SER D 92 -24.00 0.44 -10.92
N TYR D 93 -22.78 0.78 -11.29
CA TYR D 93 -22.47 1.13 -12.66
C TYR D 93 -22.67 -0.09 -13.57
N ALA D 94 -23.18 0.16 -14.79
CA ALA D 94 -23.48 -0.93 -15.73
C ALA D 94 -22.78 -0.74 -17.06
N GLY D 95 -21.78 0.13 -17.11
CA GLY D 95 -21.12 0.48 -18.35
C GLY D 95 -21.87 1.56 -19.11
N SER D 96 -21.12 2.26 -19.97
CA SER D 96 -21.67 3.22 -20.91
C SER D 96 -22.40 4.36 -20.21
N TYR D 97 -21.92 4.73 -19.02
CA TYR D 97 -22.47 5.84 -18.25
C TYR D 97 -23.93 5.59 -17.87
N ILE D 98 -24.24 4.36 -17.47
CA ILE D 98 -25.56 3.99 -16.97
C ILE D 98 -25.44 3.47 -15.52
N TRP D 99 -26.37 3.88 -14.67
CA TRP D 99 -26.47 3.34 -13.32
C TRP D 99 -27.76 2.56 -13.16
N VAL D 100 -27.73 1.55 -12.28
CA VAL D 100 -28.85 0.63 -12.04
C VAL D 100 -29.02 0.46 -10.53
N PHE D 101 -30.26 0.54 -10.06
CA PHE D 101 -30.55 0.25 -8.66
C PHE D 101 -30.97 -1.19 -8.47
N GLY D 102 -30.62 -1.73 -7.30
CA GLY D 102 -31.13 -3.01 -6.87
C GLY D 102 -32.56 -2.93 -6.36
N GLY D 103 -33.11 -4.11 -6.04
CA GLY D 103 -34.53 -4.21 -5.73
C GLY D 103 -34.95 -3.54 -4.44
N GLY D 104 -34.05 -3.44 -3.46
CA GLY D 104 -34.44 -2.94 -2.17
C GLY D 104 -34.60 -4.02 -1.13
N THR D 105 -34.16 -3.73 0.09
CA THR D 105 -34.18 -4.67 1.20
C THR D 105 -34.78 -3.98 2.42
N GLN D 106 -35.88 -4.52 2.96
CA GLN D 106 -36.45 -3.99 4.19
C GLN D 106 -35.69 -4.55 5.38
N LEU D 107 -34.97 -3.69 6.09
CA LEU D 107 -34.30 -4.07 7.33
C LEU D 107 -35.17 -3.65 8.49
N THR D 108 -35.55 -4.60 9.32
CA THR D 108 -36.29 -4.28 10.52
C THR D 108 -35.37 -4.59 11.71
N VAL D 109 -35.21 -3.61 12.59
CA VAL D 109 -34.42 -3.74 13.80
C VAL D 109 -35.37 -4.13 14.91
N LEU D 110 -35.26 -5.38 15.37
CA LEU D 110 -36.27 -5.96 16.26
C LEU D 110 -36.40 -5.18 17.57
N GLY D 111 -37.63 -4.73 17.87
CA GLY D 111 -37.92 -3.98 19.08
C GLY D 111 -39.05 -4.59 19.89
N GLN D 112 -39.61 -5.68 19.40
CA GLN D 112 -40.68 -6.40 20.08
C GLN D 112 -40.68 -7.83 19.60
N PRO D 113 -41.29 -8.76 20.35
CA PRO D 113 -41.24 -10.17 19.95
C PRO D 113 -42.02 -10.45 18.68
N LYS D 114 -41.53 -11.43 17.92
CA LYS D 114 -42.19 -11.90 16.71
C LYS D 114 -43.68 -12.14 16.95
N ALA D 115 -44.51 -11.58 16.08
CA ALA D 115 -45.95 -11.78 16.11
C ALA D 115 -46.38 -12.38 14.79
N ALA D 116 -47.09 -13.51 14.85
CA ALA D 116 -47.64 -14.11 13.65
C ALA D 116 -48.83 -13.30 13.14
N PRO D 117 -49.14 -13.40 11.85
CA PRO D 117 -50.35 -12.76 11.32
C PRO D 117 -51.61 -13.56 11.61
N SER D 118 -52.71 -12.84 11.76
CA SER D 118 -54.03 -13.45 11.75
C SER D 118 -54.68 -13.11 10.41
N VAL D 119 -55.35 -14.09 9.82
CA VAL D 119 -55.83 -13.99 8.45
C VAL D 119 -57.35 -14.14 8.46
N THR D 120 -58.04 -13.19 7.85
CA THR D 120 -59.47 -13.29 7.55
C THR D 120 -59.65 -13.32 6.04
N LEU D 121 -60.38 -14.31 5.54
CA LEU D 121 -60.61 -14.46 4.11
C LEU D 121 -62.10 -14.35 3.82
N PHE D 122 -62.44 -13.44 2.91
CA PHE D 122 -63.83 -13.25 2.52
C PHE D 122 -64.07 -13.78 1.12
N PRO D 123 -65.15 -14.54 0.90
CA PRO D 123 -65.56 -14.95 -0.46
C PRO D 123 -66.18 -13.77 -1.22
N PRO D 124 -66.39 -13.91 -2.54
CA PRO D 124 -67.11 -12.85 -3.27
C PRO D 124 -68.53 -12.68 -2.75
N SER D 125 -68.97 -11.43 -2.62
CA SER D 125 -70.30 -11.23 -2.11
C SER D 125 -71.33 -11.72 -3.13
N SER D 126 -72.52 -12.02 -2.63
CA SER D 126 -73.59 -12.44 -3.52
C SER D 126 -73.92 -11.32 -4.50
N GLU D 127 -73.90 -10.08 -4.01
CA GLU D 127 -74.22 -8.94 -4.87
C GLU D 127 -73.21 -8.81 -6.01
N GLU D 128 -71.91 -9.01 -5.72
CA GLU D 128 -70.89 -8.84 -6.75
C GLU D 128 -70.97 -9.92 -7.83
N LEU D 129 -71.33 -11.15 -7.45
CA LEU D 129 -71.52 -12.21 -8.44
C LEU D 129 -72.66 -11.88 -9.39
N GLN D 130 -73.71 -11.23 -8.89
CA GLN D 130 -74.81 -10.83 -9.76
C GLN D 130 -74.40 -9.76 -10.75
N ALA D 131 -73.35 -9.00 -10.41
CA ALA D 131 -72.74 -8.04 -11.33
C ALA D 131 -71.62 -8.65 -12.16
N ASN D 132 -71.49 -9.97 -12.17
CA ASN D 132 -70.64 -10.72 -13.09
C ASN D 132 -69.14 -10.55 -12.79
N LYS D 133 -68.79 -10.24 -11.55
CA LYS D 133 -67.41 -10.17 -11.08
C LYS D 133 -67.25 -11.05 -9.85
N ALA D 134 -66.03 -11.10 -9.32
CA ALA D 134 -65.76 -11.94 -8.16
C ALA D 134 -64.43 -11.50 -7.57
N THR D 135 -64.41 -11.19 -6.27
CA THR D 135 -63.17 -10.78 -5.62
C THR D 135 -63.03 -11.48 -4.28
N LEU D 136 -61.94 -12.24 -4.11
CA LEU D 136 -61.59 -12.84 -2.83
C LEU D 136 -60.76 -11.84 -2.04
N VAL D 137 -61.22 -11.46 -0.86
CA VAL D 137 -60.54 -10.45 -0.05
C VAL D 137 -59.80 -11.12 1.11
N CYS D 138 -58.46 -11.01 1.12
CA CYS D 138 -57.63 -11.65 2.13
C CYS D 138 -57.02 -10.59 3.04
N LEU D 139 -57.44 -10.58 4.31
CA LEU D 139 -57.07 -9.55 5.28
C LEU D 139 -56.06 -10.08 6.28
N ILE D 140 -54.96 -9.34 6.45
CA ILE D 140 -53.77 -9.78 7.16
C ILE D 140 -53.43 -8.72 8.21
N SER D 141 -53.42 -9.12 9.49
CA SER D 141 -53.24 -8.12 10.54
C SER D 141 -52.41 -8.67 11.70
N ASP D 142 -51.79 -7.74 12.42
CA ASP D 142 -51.17 -7.94 13.72
C ASP D 142 -49.85 -8.72 13.67
N PHE D 143 -49.10 -8.63 12.57
CA PHE D 143 -47.83 -9.33 12.50
C PHE D 143 -46.66 -8.38 12.69
N TYR D 144 -45.51 -8.96 13.04
CA TYR D 144 -44.22 -8.30 13.24
C TYR D 144 -43.12 -9.33 13.12
N PRO D 145 -42.02 -9.06 12.40
CA PRO D 145 -41.80 -7.85 11.61
C PRO D 145 -42.74 -7.72 10.42
N GLY D 146 -42.83 -6.51 9.86
CA GLY D 146 -43.78 -6.18 8.83
C GLY D 146 -43.41 -6.66 7.44
N ALA D 147 -43.32 -7.98 7.27
CA ALA D 147 -42.98 -8.60 6.00
C ALA D 147 -43.74 -9.92 5.87
N VAL D 148 -44.41 -10.13 4.74
CA VAL D 148 -45.10 -11.39 4.46
C VAL D 148 -45.01 -11.73 2.97
N THR D 149 -45.14 -13.03 2.69
CA THR D 149 -45.30 -13.57 1.35
C THR D 149 -46.69 -14.19 1.24
N VAL D 150 -47.53 -13.65 0.36
CA VAL D 150 -48.90 -14.13 0.19
C VAL D 150 -48.97 -14.98 -1.07
N ALA D 151 -49.66 -16.12 -0.99
CA ALA D 151 -49.85 -17.01 -2.12
C ALA D 151 -51.30 -17.47 -2.17
N TRP D 152 -51.83 -17.64 -3.38
CA TRP D 152 -53.20 -18.11 -3.57
C TRP D 152 -53.22 -19.47 -4.24
N LYS D 153 -54.28 -20.24 -3.96
CA LYS D 153 -54.43 -21.61 -4.45
C LYS D 153 -55.88 -21.85 -4.85
N ALA D 154 -56.10 -22.41 -6.04
CA ALA D 154 -57.40 -22.93 -6.43
C ALA D 154 -57.35 -24.44 -6.25
N ASP D 155 -58.20 -24.95 -5.33
CA ASP D 155 -58.03 -26.27 -4.77
C ASP D 155 -56.60 -26.39 -4.26
N SER D 156 -55.73 -27.18 -4.92
CA SER D 156 -54.35 -27.23 -4.46
C SER D 156 -53.36 -26.57 -5.41
N SER D 157 -53.74 -26.24 -6.64
CA SER D 157 -52.79 -25.67 -7.58
C SER D 157 -52.64 -24.16 -7.36
N PRO D 158 -51.42 -23.64 -7.45
CA PRO D 158 -51.21 -22.22 -7.13
C PRO D 158 -51.71 -21.30 -8.22
N VAL D 159 -52.39 -20.23 -7.79
CA VAL D 159 -52.97 -19.24 -8.70
C VAL D 159 -52.02 -18.05 -8.78
N LYS D 160 -51.59 -17.74 -10.00
CA LYS D 160 -50.65 -16.65 -10.23
C LYS D 160 -51.33 -15.38 -10.71
N ALA D 161 -52.33 -15.51 -11.58
CA ALA D 161 -52.95 -14.35 -12.22
C ALA D 161 -54.10 -13.78 -11.38
N GLY D 162 -54.20 -12.44 -11.35
CA GLY D 162 -55.27 -11.76 -10.66
C GLY D 162 -55.00 -11.37 -9.22
N VAL D 163 -53.78 -11.58 -8.72
CA VAL D 163 -53.39 -11.23 -7.36
C VAL D 163 -52.96 -9.76 -7.30
N GLU D 164 -53.35 -9.08 -6.23
CA GLU D 164 -52.92 -7.71 -5.92
C GLU D 164 -52.74 -7.63 -4.40
N THR D 165 -51.53 -7.33 -3.95
CA THR D 165 -51.19 -7.37 -2.52
C THR D 165 -50.61 -6.03 -2.09
N THR D 166 -51.09 -5.50 -0.96
CA THR D 166 -50.56 -4.22 -0.54
C THR D 166 -49.17 -4.38 0.08
N THR D 167 -48.51 -3.23 0.31
CA THR D 167 -47.27 -3.23 1.08
C THR D 167 -47.59 -2.95 2.54
N PRO D 168 -47.10 -3.76 3.48
CA PRO D 168 -47.55 -3.67 4.87
C PRO D 168 -47.44 -2.26 5.43
N SER D 169 -48.46 -1.85 6.16
CA SER D 169 -48.51 -0.55 6.79
C SER D 169 -48.45 -0.72 8.30
N LYS D 170 -47.77 0.20 8.98
CA LYS D 170 -47.62 0.09 10.42
C LYS D 170 -48.93 0.49 11.08
N GLN D 171 -49.47 -0.39 11.90
CA GLN D 171 -50.73 -0.12 12.59
C GLN D 171 -50.48 0.86 13.73
N SER D 172 -51.52 1.11 14.52
CA SER D 172 -51.38 1.94 15.71
C SER D 172 -50.58 1.24 16.80
N ASN D 173 -50.75 -0.08 16.95
CA ASN D 173 -50.01 -0.85 17.94
C ASN D 173 -48.61 -1.28 17.46
N ASN D 174 -48.16 -0.73 16.33
CA ASN D 174 -46.84 -0.93 15.73
C ASN D 174 -46.62 -2.34 15.21
N LYS D 175 -47.66 -3.18 15.22
CA LYS D 175 -47.68 -4.33 14.33
C LYS D 175 -48.08 -3.85 12.95
N TYR D 176 -48.05 -4.76 11.97
CA TYR D 176 -48.32 -4.37 10.60
C TYR D 176 -49.61 -5.01 10.08
N ALA D 177 -50.28 -4.29 9.18
CA ALA D 177 -51.45 -4.77 8.46
C ALA D 177 -51.15 -4.79 6.97
N ALA D 178 -51.72 -5.77 6.27
CA ALA D 178 -51.63 -5.83 4.82
C ALA D 178 -52.88 -6.52 4.30
N SER D 179 -53.16 -6.31 3.01
CA SER D 179 -54.26 -6.98 2.36
C SER D 179 -53.81 -7.57 1.04
N SER D 180 -54.41 -8.70 0.67
CA SER D 180 -54.29 -9.25 -0.68
C SER D 180 -55.69 -9.46 -1.26
N TYR D 181 -55.79 -9.32 -2.59
CA TYR D 181 -57.04 -9.49 -3.30
C TYR D 181 -56.82 -10.43 -4.48
N LEU D 182 -57.82 -11.26 -4.78
CA LEU D 182 -57.79 -12.15 -5.92
C LEU D 182 -58.94 -11.78 -6.85
N SER D 183 -58.61 -11.36 -8.06
CA SER D 183 -59.64 -11.03 -9.05
C SER D 183 -59.98 -12.28 -9.85
N LEU D 184 -61.28 -12.51 -10.02
CA LEU D 184 -61.79 -13.79 -10.46
C LEU D 184 -63.03 -13.56 -11.31
N THR D 185 -63.32 -14.53 -12.15
CA THR D 185 -64.53 -14.67 -12.94
C THR D 185 -65.56 -15.50 -12.17
N PRO D 186 -66.83 -15.11 -12.16
CA PRO D 186 -67.84 -15.94 -11.48
C PRO D 186 -67.73 -17.42 -11.84
N GLU D 187 -67.49 -17.72 -13.12
CA GLU D 187 -67.40 -19.10 -13.58
C GLU D 187 -66.18 -19.81 -13.00
N GLN D 188 -65.05 -19.11 -12.91
CA GLN D 188 -63.87 -19.83 -12.43
C GLN D 188 -63.92 -20.00 -10.91
N TRP D 189 -64.41 -18.97 -10.20
CA TRP D 189 -64.72 -19.11 -8.78
C TRP D 189 -65.55 -20.37 -8.50
N LYS D 190 -66.62 -20.58 -9.28
CA LYS D 190 -67.57 -21.67 -9.03
C LYS D 190 -67.07 -23.04 -9.49
N SER D 191 -65.98 -23.10 -10.25
CA SER D 191 -65.48 -24.34 -10.83
C SER D 191 -64.47 -25.04 -9.94
N HIS D 192 -64.26 -24.55 -8.72
CA HIS D 192 -63.36 -25.16 -7.75
C HIS D 192 -64.10 -25.49 -6.47
N ARG D 193 -63.58 -26.48 -5.74
CA ARG D 193 -64.16 -26.84 -4.45
C ARG D 193 -63.77 -25.84 -3.37
N SER D 194 -62.58 -25.23 -3.47
CA SER D 194 -62.12 -24.28 -2.47
C SER D 194 -61.01 -23.41 -3.03
N TYR D 195 -60.95 -22.18 -2.53
CA TYR D 195 -59.81 -21.29 -2.68
C TYR D 195 -59.12 -21.16 -1.33
N SER D 196 -57.90 -20.62 -1.34
CA SER D 196 -57.05 -20.70 -0.16
C SER D 196 -56.04 -19.56 -0.18
N CYS D 197 -56.09 -18.67 0.81
CA CYS D 197 -55.13 -17.58 0.95
C CYS D 197 -54.08 -17.98 1.98
N GLN D 198 -52.81 -18.00 1.56
CA GLN D 198 -51.70 -18.54 2.35
C GLN D 198 -50.66 -17.45 2.59
N VAL D 199 -50.57 -16.98 3.84
CA VAL D 199 -49.66 -15.92 4.24
C VAL D 199 -48.48 -16.56 4.96
N THR D 200 -47.26 -16.20 4.54
CA THR D 200 -46.06 -16.71 5.19
C THR D 200 -45.30 -15.57 5.84
N HIS D 201 -44.81 -15.83 7.05
CA HIS D 201 -44.23 -14.82 7.89
C HIS D 201 -43.13 -15.48 8.71
N GLU D 202 -41.89 -15.05 8.50
CA GLU D 202 -40.75 -15.59 9.24
C GLU D 202 -40.73 -17.12 9.15
N GLY D 203 -41.04 -17.63 7.97
CA GLY D 203 -40.94 -19.05 7.69
C GLY D 203 -42.11 -19.90 8.14
N SER D 204 -43.23 -19.30 8.52
CA SER D 204 -44.38 -20.04 9.06
C SER D 204 -45.65 -19.52 8.40
N THR D 205 -46.50 -20.43 7.96
CA THR D 205 -47.65 -20.10 7.13
C THR D 205 -48.95 -20.19 7.92
N VAL D 206 -49.73 -19.11 7.88
CA VAL D 206 -51.12 -19.12 8.30
C VAL D 206 -51.98 -19.16 7.04
N GLU D 207 -53.03 -19.96 7.08
CA GLU D 207 -53.83 -20.28 5.91
C GLU D 207 -55.29 -20.07 6.23
N LYS D 208 -56.05 -19.59 5.24
CA LYS D 208 -57.48 -19.48 5.37
C LYS D 208 -58.13 -19.91 4.07
N THR D 209 -59.19 -20.68 4.19
CA THR D 209 -59.81 -21.40 3.09
C THR D 209 -61.28 -21.03 3.01
N VAL D 210 -61.78 -20.91 1.79
CA VAL D 210 -63.14 -20.46 1.53
C VAL D 210 -63.67 -21.26 0.34
N ALA D 211 -64.95 -21.64 0.40
CA ALA D 211 -65.56 -22.51 -0.59
C ALA D 211 -66.81 -21.88 -1.18
N PRO D 212 -67.05 -22.08 -2.49
CA PRO D 212 -68.29 -21.64 -3.15
C PRO D 212 -69.50 -22.45 -2.72
N THR E 25 25.99 3.00 -30.02
CA THR E 25 26.41 1.91 -29.15
C THR E 25 25.90 2.03 -27.71
N ASN E 26 25.02 2.99 -27.45
CA ASN E 26 24.42 3.14 -26.13
C ASN E 26 23.17 2.28 -26.05
N LEU E 27 23.03 1.52 -24.96
CA LEU E 27 21.81 0.76 -24.74
C LEU E 27 20.72 1.67 -24.19
N CYS E 28 19.48 1.37 -24.54
CA CYS E 28 18.37 2.20 -24.07
C CYS E 28 18.16 2.01 -22.56
N PRO E 29 17.83 3.08 -21.83
CA PRO E 29 17.77 3.02 -20.36
C PRO E 29 16.42 2.53 -19.84
N PHE E 30 15.89 1.46 -20.44
CA PHE E 30 14.60 0.92 -20.01
C PHE E 30 14.67 0.46 -18.56
N HIS E 31 15.78 -0.18 -18.18
CA HIS E 31 15.93 -0.65 -16.82
C HIS E 31 15.82 0.49 -15.81
N GLU E 32 16.18 1.72 -16.20
CA GLU E 32 16.08 2.84 -15.28
C GLU E 32 14.63 3.16 -14.92
N VAL E 33 13.68 2.91 -15.82
CA VAL E 33 12.30 3.22 -15.49
C VAL E 33 11.65 2.05 -14.75
N PHE E 34 11.98 0.82 -15.15
CA PHE E 34 11.42 -0.37 -14.51
C PHE E 34 11.93 -0.53 -13.09
N ASN E 35 13.20 -0.21 -12.83
CA ASN E 35 13.81 -0.43 -11.53
C ASN E 35 13.95 0.86 -10.72
N ALA E 36 13.19 1.90 -11.06
CA ALA E 36 13.21 3.10 -10.25
C ALA E 36 12.66 2.83 -8.85
N THR E 37 13.35 3.37 -7.83
CA THR E 37 12.82 3.35 -6.47
C THR E 37 11.46 4.03 -6.39
N THR E 38 11.22 5.04 -7.23
CA THR E 38 10.14 6.00 -7.01
C THR E 38 9.27 6.10 -8.24
N PHE E 39 7.97 5.84 -8.08
CA PHE E 39 7.01 6.04 -9.15
C PHE E 39 6.14 7.25 -8.85
N ALA E 40 5.69 7.91 -9.92
CA ALA E 40 4.85 9.09 -9.77
C ALA E 40 3.43 8.71 -9.35
N SER E 41 2.76 9.63 -8.67
CA SER E 41 1.30 9.57 -8.57
C SER E 41 0.69 9.63 -9.98
N VAL E 42 -0.43 8.92 -10.17
CA VAL E 42 -1.00 8.78 -11.51
C VAL E 42 -1.48 10.13 -12.04
N TYR E 43 -2.09 10.96 -11.18
CA TYR E 43 -2.53 12.26 -11.66
C TYR E 43 -1.35 13.09 -12.15
N ALA E 44 -0.16 12.88 -11.59
CA ALA E 44 0.99 13.62 -12.07
C ALA E 44 1.99 12.65 -12.66
N TRP E 45 1.55 11.87 -13.65
CA TRP E 45 2.32 10.74 -14.15
C TRP E 45 3.60 11.18 -14.84
N ASN E 46 4.61 10.33 -14.73
CA ASN E 46 5.95 10.64 -15.20
C ASN E 46 6.16 10.15 -16.62
N ARG E 47 6.84 10.97 -17.43
CA ARG E 47 7.22 10.61 -18.79
C ARG E 47 8.73 10.75 -18.96
N LYS E 48 9.40 9.66 -19.30
CA LYS E 48 10.78 9.72 -19.78
C LYS E 48 10.75 9.67 -21.30
N ARG E 49 11.53 10.53 -21.95
CA ARG E 49 11.76 10.36 -23.38
C ARG E 49 13.03 9.54 -23.59
N ILE E 50 12.98 8.60 -24.52
CA ILE E 50 14.09 7.69 -24.81
C ILE E 50 14.47 7.84 -26.28
N SER E 51 15.74 8.15 -26.53
CA SER E 51 16.19 8.36 -27.91
C SER E 51 17.68 8.09 -28.06
N ASN E 52 18.06 7.75 -29.30
CA ASN E 52 19.45 7.54 -29.70
C ASN E 52 20.09 6.42 -28.89
N CYS E 53 19.60 5.20 -29.12
CA CYS E 53 20.05 4.08 -28.33
C CYS E 53 19.57 2.79 -28.96
N VAL E 54 20.29 1.72 -28.66
CA VAL E 54 19.89 0.37 -29.03
C VAL E 54 18.93 -0.14 -27.97
N ALA E 55 17.77 -0.63 -28.41
CA ALA E 55 16.75 -1.15 -27.50
C ALA E 55 16.73 -2.67 -27.57
N ASP E 56 16.47 -3.31 -26.43
CA ASP E 56 16.23 -4.75 -26.39
C ASP E 56 14.93 -4.97 -25.61
N TYR E 57 13.85 -5.15 -26.35
CA TYR E 57 12.54 -5.36 -25.76
C TYR E 57 12.33 -6.81 -25.31
N SER E 58 13.38 -7.64 -25.33
CA SER E 58 13.32 -8.91 -24.62
C SER E 58 13.12 -8.68 -23.14
N VAL E 59 13.56 -7.52 -22.66
CA VAL E 59 13.25 -7.06 -21.30
C VAL E 59 11.75 -7.10 -21.03
N ILE E 60 10.97 -6.55 -21.96
CA ILE E 60 9.51 -6.55 -21.82
C ILE E 60 8.92 -7.95 -22.03
N TYR E 61 9.64 -8.85 -22.73
CA TYR E 61 9.22 -10.24 -22.81
C TYR E 61 9.43 -10.97 -21.48
N ASN E 62 10.41 -10.53 -20.68
CA ASN E 62 10.70 -11.12 -19.36
C ASN E 62 9.91 -10.45 -18.23
N PHE E 66 6.25 -12.44 -12.49
CA PHE E 66 4.97 -11.91 -12.00
C PHE E 66 4.55 -10.58 -12.67
N PHE E 67 5.20 -10.24 -13.80
CA PHE E 67 4.82 -9.11 -14.63
C PHE E 67 3.67 -9.51 -15.58
N ALA E 68 2.93 -8.50 -16.05
CA ALA E 68 1.77 -8.73 -16.93
C ALA E 68 1.77 -7.68 -18.04
N PHE E 69 2.07 -8.11 -19.27
CA PHE E 69 2.26 -7.20 -20.41
C PHE E 69 1.19 -7.42 -21.46
N LYS E 70 0.75 -6.33 -22.09
CA LYS E 70 -0.24 -6.36 -23.16
C LYS E 70 0.19 -5.34 -24.21
N CYS E 71 0.49 -5.81 -25.42
CA CYS E 71 0.92 -4.91 -26.49
C CYS E 71 -0.19 -4.76 -27.52
N TYR E 72 -0.44 -3.52 -27.93
CA TYR E 72 -1.44 -3.19 -28.92
C TYR E 72 -0.74 -2.68 -30.17
N GLY E 73 -0.95 -3.37 -31.29
CA GLY E 73 -0.41 -2.94 -32.56
C GLY E 73 0.90 -3.58 -32.96
N VAL E 74 1.68 -4.10 -32.02
CA VAL E 74 2.97 -4.70 -32.33
C VAL E 74 3.12 -5.97 -31.49
N SER E 75 4.14 -6.77 -31.84
CA SER E 75 4.57 -7.89 -31.04
C SER E 75 5.96 -7.62 -30.48
N PRO E 76 6.19 -7.89 -29.20
CA PRO E 76 7.51 -7.54 -28.60
C PRO E 76 8.69 -8.16 -29.32
N THR E 77 8.54 -9.40 -29.80
CA THR E 77 9.62 -10.02 -30.57
C THR E 77 9.83 -9.32 -31.90
N LYS E 78 8.76 -8.79 -32.50
CA LYS E 78 8.86 -8.01 -33.74
C LYS E 78 9.41 -6.61 -33.48
N LEU E 79 9.24 -6.08 -32.27
CA LEU E 79 9.77 -4.77 -31.92
C LEU E 79 11.28 -4.70 -32.06
N ASN E 80 11.97 -5.83 -31.98
CA ASN E 80 13.40 -5.83 -32.16
C ASN E 80 13.81 -5.70 -33.63
N ASP E 81 12.84 -5.63 -34.54
CA ASP E 81 13.10 -5.44 -35.96
C ASP E 81 12.67 -4.07 -36.45
N LEU E 82 12.35 -3.15 -35.54
CA LEU E 82 11.81 -1.84 -35.88
C LEU E 82 12.72 -0.73 -35.39
N CYS E 83 12.65 0.43 -36.04
CA CYS E 83 13.26 1.66 -35.54
C CYS E 83 12.19 2.74 -35.32
N PHE E 84 12.46 3.65 -34.38
CA PHE E 84 11.54 4.73 -34.07
C PHE E 84 12.31 6.03 -33.90
N THR E 85 11.59 7.14 -34.02
CA THR E 85 12.24 8.43 -33.82
C THR E 85 12.47 8.69 -32.34
N ASN E 86 11.46 8.44 -31.52
CA ASN E 86 11.58 8.47 -30.06
C ASN E 86 10.74 7.34 -29.49
N VAL E 87 11.03 6.99 -28.24
CA VAL E 87 10.19 6.12 -27.43
C VAL E 87 9.90 6.84 -26.13
N TYR E 88 8.64 6.80 -25.71
CA TYR E 88 8.22 7.47 -24.48
C TYR E 88 7.87 6.41 -23.45
N ALA E 89 8.36 6.57 -22.22
CA ALA E 89 8.03 5.68 -21.11
C ALA E 89 7.29 6.48 -20.04
N ASP E 90 5.98 6.24 -19.94
CA ASP E 90 5.12 6.86 -18.94
C ASP E 90 4.96 5.88 -17.78
N SER E 91 5.16 6.35 -16.55
CA SER E 91 5.00 5.47 -15.40
C SER E 91 4.21 6.17 -14.30
N PHE E 92 3.53 5.37 -13.46
CA PHE E 92 2.73 5.84 -12.34
C PHE E 92 2.30 4.61 -11.53
N VAL E 93 1.62 4.85 -10.40
CA VAL E 93 1.07 3.79 -9.55
C VAL E 93 -0.44 3.98 -9.46
N ILE E 94 -1.19 2.86 -9.54
CA ILE E 94 -2.63 2.84 -9.37
C ILE E 94 -3.03 1.59 -8.59
N ARG E 95 -4.33 1.47 -8.32
CA ARG E 95 -4.93 0.30 -7.69
C ARG E 95 -5.03 -0.88 -8.66
N GLY E 96 -4.87 -2.09 -8.12
CA GLY E 96 -4.91 -3.28 -8.97
C GLY E 96 -6.19 -3.42 -9.80
N ASN E 97 -7.36 -3.13 -9.22
CA ASN E 97 -8.58 -3.25 -9.98
C ASN E 97 -8.79 -2.09 -10.95
N GLU E 98 -7.85 -1.15 -11.00
CA GLU E 98 -7.90 -0.09 -11.99
C GLU E 98 -6.94 -0.34 -13.16
N VAL E 99 -6.13 -1.40 -13.11
CA VAL E 99 -5.14 -1.59 -14.17
C VAL E 99 -5.82 -1.74 -15.52
N SER E 100 -7.02 -2.36 -15.56
CA SER E 100 -7.71 -2.58 -16.82
C SER E 100 -8.12 -1.28 -17.52
N GLN E 101 -8.11 -0.14 -16.82
CA GLN E 101 -8.40 1.14 -17.49
C GLN E 101 -7.22 1.66 -18.31
N ILE E 102 -6.04 1.07 -18.17
CA ILE E 102 -4.87 1.51 -18.96
C ILE E 102 -4.86 0.63 -20.21
N ALA E 103 -5.74 0.97 -21.14
CA ALA E 103 -5.96 0.22 -22.36
C ALA E 103 -6.72 1.11 -23.31
N PRO E 104 -6.49 1.00 -24.61
CA PRO E 104 -7.20 1.87 -25.56
C PRO E 104 -8.70 1.66 -25.46
N GLY E 105 -9.44 2.75 -25.66
CA GLY E 105 -10.89 2.67 -25.68
C GLY E 105 -11.56 2.50 -24.32
N GLN E 106 -10.80 2.41 -23.23
CA GLN E 106 -11.40 2.20 -21.92
C GLN E 106 -11.96 3.49 -21.33
N THR E 107 -12.72 3.46 -20.34
CA THR E 107 -13.30 4.57 -19.64
C THR E 107 -13.40 4.18 -18.17
N GLY E 108 -13.38 5.17 -17.27
CA GLY E 108 -13.55 4.88 -15.86
C GLY E 108 -12.94 6.02 -15.07
N ASN E 109 -12.94 5.83 -13.75
CA ASN E 109 -12.27 6.69 -12.80
C ASN E 109 -10.89 7.18 -13.28
N ILE E 110 -9.98 6.25 -13.58
CA ILE E 110 -8.60 6.63 -13.88
C ILE E 110 -8.47 7.12 -15.33
N ALA E 111 -9.12 6.43 -16.27
CA ALA E 111 -8.93 6.78 -17.68
C ALA E 111 -9.59 8.10 -18.02
N ASP E 112 -10.74 8.41 -17.40
CA ASP E 112 -11.40 9.69 -17.65
C ASP E 112 -10.62 10.86 -17.05
N TYR E 113 -10.06 10.70 -15.85
CA TYR E 113 -9.58 11.85 -15.12
C TYR E 113 -8.09 11.83 -14.82
N ASN E 114 -7.35 10.78 -15.20
CA ASN E 114 -5.99 10.64 -14.68
C ASN E 114 -4.99 10.31 -15.78
N TYR E 115 -5.25 9.28 -16.58
CA TYR E 115 -4.31 8.89 -17.63
C TYR E 115 -5.08 8.23 -18.76
N LYS E 116 -5.09 8.86 -19.94
CA LYS E 116 -5.93 8.39 -21.02
C LYS E 116 -5.05 7.83 -22.13
N LEU E 117 -5.42 6.60 -22.62
CA LEU E 117 -4.75 6.15 -23.83
C LEU E 117 -5.61 6.47 -25.04
N PRO E 118 -4.98 6.80 -26.18
CA PRO E 118 -5.76 7.02 -27.40
C PRO E 118 -6.30 5.70 -27.95
N ASP E 119 -7.43 5.80 -28.64
CA ASP E 119 -8.06 4.60 -29.17
C ASP E 119 -7.14 3.88 -30.15
N ASP E 120 -6.45 4.64 -31.00
CA ASP E 120 -5.50 4.09 -31.97
C ASP E 120 -4.13 3.85 -31.37
N PHE E 121 -4.05 3.27 -30.17
CA PHE E 121 -2.80 3.18 -29.43
C PHE E 121 -1.93 2.05 -29.99
N THR E 122 -0.69 2.40 -30.38
CA THR E 122 0.37 1.45 -30.70
C THR E 122 1.37 1.48 -29.55
N GLY E 123 1.43 0.41 -28.78
CA GLY E 123 2.39 0.36 -27.69
C GLY E 123 2.05 -0.74 -26.71
N CYS E 124 2.77 -0.75 -25.59
CA CYS E 124 2.66 -1.80 -24.60
C CYS E 124 2.32 -1.22 -23.23
N VAL E 125 1.57 -1.98 -22.45
CA VAL E 125 1.29 -1.69 -21.06
C VAL E 125 1.86 -2.83 -20.23
N ILE E 126 2.74 -2.49 -19.30
CA ILE E 126 3.28 -3.46 -18.35
C ILE E 126 2.87 -2.99 -16.95
N ALA E 127 2.37 -3.94 -16.15
CA ALA E 127 1.97 -3.65 -14.78
C ALA E 127 2.37 -4.83 -13.90
N TRP E 128 2.90 -4.53 -12.72
CA TRP E 128 3.26 -5.55 -11.75
C TRP E 128 2.85 -5.09 -10.35
N ASN E 129 2.35 -6.06 -9.57
CA ASN E 129 2.06 -5.85 -8.16
C ASN E 129 3.27 -5.27 -7.43
N SER E 130 3.04 -4.19 -6.68
CA SER E 130 4.12 -3.51 -5.95
C SER E 130 3.83 -3.43 -4.45
N ASN E 131 3.06 -4.40 -3.95
CA ASN E 131 2.61 -4.36 -2.56
C ASN E 131 3.78 -4.27 -1.59
N LYS E 132 4.85 -5.02 -1.84
CA LYS E 132 5.96 -5.02 -0.90
C LYS E 132 6.62 -3.66 -0.79
N LEU E 133 6.65 -2.89 -1.89
CA LEU E 133 7.31 -1.59 -1.94
C LEU E 133 6.40 -0.41 -1.63
N ASP E 134 5.14 -0.48 -2.06
CA ASP E 134 4.28 0.68 -1.99
C ASP E 134 3.20 0.60 -0.92
N SER E 135 3.16 -0.44 -0.11
CA SER E 135 2.23 -0.54 1.00
C SER E 135 2.98 -0.52 2.32
N LYS E 136 2.28 -0.09 3.37
CA LYS E 136 2.78 -0.25 4.73
C LYS E 136 1.59 -0.43 5.66
N PRO E 137 1.80 -1.07 6.82
CA PRO E 137 0.64 -1.41 7.68
C PRO E 137 -0.17 -0.21 8.15
N SER E 138 0.49 0.92 8.40
CA SER E 138 -0.24 2.12 8.77
C SER E 138 -0.87 2.83 7.56
N GLY E 139 -0.75 2.26 6.38
CA GLY E 139 -1.26 2.92 5.20
C GLY E 139 -0.26 3.83 4.53
N ASN E 140 0.18 3.45 3.33
CA ASN E 140 0.94 4.38 2.49
C ASN E 140 -0.05 5.30 1.80
N TYR E 141 -0.01 6.58 2.13
CA TYR E 141 -0.92 7.55 1.56
C TYR E 141 -0.23 8.46 0.54
N ASN E 142 0.96 8.09 0.06
CA ASN E 142 1.81 9.00 -0.72
C ASN E 142 1.50 9.01 -2.22
N TYR E 143 0.56 8.20 -2.69
CA TYR E 143 0.15 8.21 -4.08
C TYR E 143 -1.24 8.82 -4.18
N LEU E 144 -1.42 9.81 -5.05
CA LEU E 144 -2.70 10.49 -5.16
C LEU E 144 -3.33 10.18 -6.52
N TYR E 145 -4.64 10.41 -6.59
CA TYR E 145 -5.37 10.30 -7.85
C TYR E 145 -6.46 11.36 -7.86
N ARG E 146 -6.91 11.70 -9.08
CA ARG E 146 -7.89 12.76 -9.29
C ARG E 146 -9.31 12.20 -9.24
N LEU E 147 -10.21 12.93 -8.58
CA LEU E 147 -11.56 12.47 -8.32
C LEU E 147 -12.58 12.93 -9.35
N PHE E 148 -12.34 14.09 -9.96
CA PHE E 148 -13.29 14.76 -10.85
C PHE E 148 -12.55 15.83 -11.64
N ARG E 149 -13.14 16.23 -12.77
CA ARG E 149 -12.45 17.12 -13.69
C ARG E 149 -13.44 17.89 -14.57
N LYS E 150 -13.01 19.07 -15.06
CA LYS E 150 -13.90 19.91 -15.84
C LYS E 150 -14.27 19.30 -17.19
N SER E 151 -13.47 18.33 -17.67
CA SER E 151 -13.74 17.59 -18.88
C SER E 151 -12.83 16.36 -18.84
N LYS E 152 -13.12 15.40 -19.70
CA LYS E 152 -12.33 14.18 -19.70
C LYS E 152 -10.94 14.47 -20.27
N LEU E 153 -9.94 13.69 -19.83
CA LEU E 153 -8.59 13.90 -20.30
C LEU E 153 -8.49 13.46 -21.76
N LYS E 154 -7.75 14.24 -22.56
CA LYS E 154 -7.37 13.80 -23.89
C LYS E 154 -6.22 12.80 -23.79
N PRO E 155 -5.93 12.05 -24.87
CA PRO E 155 -4.86 11.04 -24.76
C PRO E 155 -3.53 11.68 -24.41
N PHE E 156 -2.88 11.13 -23.38
CA PHE E 156 -1.58 11.56 -22.89
C PHE E 156 -1.61 12.95 -22.28
N GLU E 157 -2.79 13.49 -22.04
CA GLU E 157 -2.85 14.75 -21.32
C GLU E 157 -2.54 14.52 -19.84
N ARG E 158 -1.86 15.49 -19.23
CA ARG E 158 -1.45 15.40 -17.85
C ARG E 158 -1.97 16.67 -17.17
N ASP E 159 -2.84 16.51 -16.19
CA ASP E 159 -3.38 17.63 -15.42
C ASP E 159 -2.83 17.54 -13.99
N ILE E 160 -1.94 18.47 -13.64
CA ILE E 160 -1.33 18.50 -12.31
C ILE E 160 -1.94 19.58 -11.43
N SER E 161 -3.12 20.09 -11.79
CA SER E 161 -3.76 21.08 -10.95
CA SER E 161 -3.76 21.08 -10.95
C SER E 161 -4.13 20.44 -9.61
N THR E 162 -3.93 21.19 -8.53
CA THR E 162 -4.26 20.75 -7.18
C THR E 162 -5.07 21.80 -6.44
N GLU E 163 -5.35 22.93 -7.08
CA GLU E 163 -6.14 23.99 -6.47
C GLU E 163 -7.52 23.44 -6.07
N ILE E 164 -7.94 23.72 -4.83
CA ILE E 164 -9.24 23.27 -4.34
C ILE E 164 -10.36 23.92 -5.15
N TYR E 165 -11.27 23.11 -5.68
CA TYR E 165 -12.40 23.63 -6.43
C TYR E 165 -13.37 24.36 -5.52
N GLN E 166 -13.63 25.63 -5.82
CA GLN E 166 -14.60 26.42 -5.08
C GLN E 166 -15.96 26.31 -5.76
N ALA E 167 -16.95 25.82 -5.02
CA ALA E 167 -18.29 25.61 -5.55
C ALA E 167 -19.24 26.75 -5.21
N GLY E 168 -19.15 27.29 -3.99
CA GLY E 168 -20.01 28.36 -3.54
C GLY E 168 -19.34 29.72 -3.58
N ASN E 169 -20.03 30.70 -2.98
CA ASN E 169 -19.53 32.08 -3.00
C ASN E 169 -18.31 32.26 -2.10
N LYS E 170 -18.19 31.45 -1.04
CA LYS E 170 -17.11 31.65 -0.07
C LYS E 170 -15.79 31.09 -0.62
N PRO E 171 -14.69 31.81 -0.43
CA PRO E 171 -13.39 31.30 -0.88
C PRO E 171 -12.91 30.13 -0.02
N CYS E 172 -11.95 29.39 -0.55
CA CYS E 172 -11.56 28.13 0.06
C CYS E 172 -10.26 28.20 0.84
N ASN E 173 -9.21 28.79 0.27
CA ASN E 173 -7.89 28.89 0.91
C ASN E 173 -7.29 27.51 1.17
N GLY E 174 -6.95 26.84 0.07
CA GLY E 174 -6.16 25.62 0.12
C GLY E 174 -6.67 24.43 0.91
N VAL E 175 -7.70 24.61 1.73
CA VAL E 175 -8.20 23.54 2.60
C VAL E 175 -9.65 23.22 2.27
N ALA E 176 -9.96 21.93 2.22
CA ALA E 176 -11.32 21.47 1.98
C ALA E 176 -12.25 21.94 3.09
N GLY E 177 -13.52 22.05 2.74
CA GLY E 177 -14.55 22.43 3.67
C GLY E 177 -15.89 22.37 2.98
N PRO E 178 -16.91 22.99 3.58
CA PRO E 178 -18.20 23.11 2.88
C PRO E 178 -18.03 23.85 1.54
N ASN E 179 -18.56 23.24 0.47
CA ASN E 179 -18.53 23.79 -0.89
C ASN E 179 -17.10 23.97 -1.42
N CYS E 180 -16.13 23.32 -0.80
CA CYS E 180 -14.73 23.45 -1.19
C CYS E 180 -14.14 22.05 -1.28
N TYR E 181 -13.85 21.59 -2.49
CA TYR E 181 -13.58 20.19 -2.75
C TYR E 181 -12.11 20.02 -3.16
N SER E 182 -11.40 19.17 -2.45
CA SER E 182 -10.10 18.74 -2.94
C SER E 182 -10.27 17.84 -4.17
N PRO E 183 -9.63 18.14 -5.30
CA PRO E 183 -9.76 17.28 -6.47
C PRO E 183 -8.92 16.00 -6.40
N LEU E 184 -7.99 15.89 -5.47
CA LEU E 184 -7.13 14.71 -5.35
C LEU E 184 -7.40 13.96 -4.04
N GLN E 185 -7.22 12.65 -4.08
CA GLN E 185 -7.35 11.81 -2.89
C GLN E 185 -6.19 10.83 -2.82
N SER E 186 -5.72 10.52 -1.61
CA SER E 186 -4.68 9.52 -1.46
C SER E 186 -5.26 8.12 -1.56
N TYR E 187 -4.55 7.24 -2.27
CA TYR E 187 -4.76 5.82 -2.03
C TYR E 187 -4.36 5.52 -0.60
N GLY E 188 -5.09 4.64 0.04
CA GLY E 188 -4.52 4.14 1.29
C GLY E 188 -4.04 2.71 1.10
N PHE E 189 -2.76 2.50 0.86
CA PHE E 189 -2.28 1.17 0.52
C PHE E 189 -1.81 0.45 1.78
N ARG E 190 -2.43 -0.70 2.08
CA ARG E 190 -1.97 -1.58 3.15
C ARG E 190 -1.72 -2.98 2.62
N PRO E 191 -0.70 -3.68 3.10
CA PRO E 191 -0.34 -4.97 2.49
C PRO E 191 -1.36 -6.08 2.69
N THR E 192 -2.28 -5.97 3.66
CA THR E 192 -3.28 -7.00 3.91
C THR E 192 -4.53 -6.83 3.03
N TYR E 193 -4.63 -5.77 2.25
CA TYR E 193 -5.77 -5.60 1.36
C TYR E 193 -5.75 -6.67 0.28
N GLY E 194 -6.93 -6.90 -0.32
CA GLY E 194 -7.01 -7.74 -1.49
C GLY E 194 -6.23 -7.19 -2.69
N VAL E 195 -5.96 -8.09 -3.64
CA VAL E 195 -5.10 -7.78 -4.79
C VAL E 195 -5.61 -6.55 -5.54
N GLY E 196 -6.92 -6.49 -5.78
CA GLY E 196 -7.50 -5.38 -6.51
C GLY E 196 -7.40 -4.05 -5.80
N HIS E 197 -7.04 -4.06 -4.51
CA HIS E 197 -6.85 -2.86 -3.74
C HIS E 197 -5.42 -2.64 -3.30
N GLN E 198 -4.48 -3.53 -3.67
CA GLN E 198 -3.09 -3.24 -3.32
C GLN E 198 -2.35 -2.63 -4.52
N PRO E 199 -1.23 -1.94 -4.31
CA PRO E 199 -0.70 -1.05 -5.35
C PRO E 199 -0.06 -1.77 -6.52
N TYR E 200 -0.22 -1.17 -7.70
CA TYR E 200 0.39 -1.67 -8.92
C TYR E 200 1.24 -0.58 -9.59
N ARG E 201 2.44 -0.95 -10.00
CA ARG E 201 3.28 -0.07 -10.80
C ARG E 201 3.04 -0.36 -12.28
N VAL E 202 3.00 0.69 -13.08
CA VAL E 202 2.65 0.54 -14.49
C VAL E 202 3.49 1.51 -15.33
N VAL E 203 3.99 0.99 -16.46
CA VAL E 203 4.74 1.74 -17.46
C VAL E 203 4.08 1.54 -18.82
N VAL E 204 3.88 2.65 -19.53
CA VAL E 204 3.25 2.64 -20.85
C VAL E 204 4.29 3.08 -21.89
N LEU E 205 4.72 2.14 -22.73
CA LEU E 205 5.68 2.44 -23.79
C LEU E 205 4.93 2.85 -25.05
N SER E 206 5.09 4.11 -25.46
CA SER E 206 4.67 4.58 -26.77
C SER E 206 5.84 4.51 -27.74
N PHE E 207 5.50 4.27 -29.01
CA PHE E 207 6.52 4.24 -30.07
C PHE E 207 6.07 5.23 -31.14
N GLU E 208 6.78 6.37 -31.18
CA GLU E 208 6.45 7.46 -32.09
C GLU E 208 7.37 7.42 -33.30
N LEU E 209 6.81 7.75 -34.46
CA LEU E 209 7.54 7.78 -35.72
C LEU E 209 7.09 9.02 -36.49
N LEU E 210 8.00 9.97 -36.73
CA LEU E 210 7.62 11.20 -37.42
C LEU E 210 8.70 11.61 -38.42
N HIS E 211 8.50 12.79 -39.03
CA HIS E 211 9.27 13.27 -40.17
C HIS E 211 10.74 13.58 -39.84
N ALA E 212 11.37 12.72 -39.05
CA ALA E 212 12.74 12.88 -38.63
C ALA E 212 13.42 11.53 -38.70
N PRO E 213 14.75 11.48 -38.68
CA PRO E 213 15.45 10.19 -38.65
C PRO E 213 15.13 9.38 -37.40
N ALA E 214 15.11 8.06 -37.57
CA ALA E 214 14.76 7.13 -36.51
C ALA E 214 15.99 6.73 -35.72
N THR E 215 16.03 7.08 -34.44
CA THR E 215 17.18 6.90 -33.58
C THR E 215 17.12 5.63 -32.72
N VAL E 216 15.94 5.26 -32.25
CA VAL E 216 15.79 4.09 -31.40
C VAL E 216 15.57 2.88 -32.31
N CYS E 217 16.62 2.13 -32.56
CA CYS E 217 16.54 0.89 -33.31
C CYS E 217 16.67 -0.30 -32.35
N GLY E 218 16.53 -1.49 -32.90
CA GLY E 218 16.64 -2.70 -32.11
C GLY E 218 18.05 -3.23 -32.07
N PRO E 219 18.21 -4.46 -31.58
CA PRO E 219 19.56 -5.05 -31.44
C PRO E 219 20.30 -5.18 -32.77
N LYS E 220 20.79 -4.06 -33.29
CA LYS E 220 21.46 -4.06 -34.59
C LYS E 220 22.40 -2.86 -34.72
#